data_3RZC
#
_entry.id   3RZC
#
_cell.length_a   79.103
_cell.length_b   191.346
_cell.length_c   151.032
_cell.angle_alpha   90.00
_cell.angle_beta   90.00
_cell.angle_gamma   90.00
#
_symmetry.space_group_name_H-M   'C 2 2 21'
#
loop_
_entity.id
_entity.type
_entity.pdbx_description
1 polymer 'Antigen-presenting glycoprotein CD1d1'
2 polymer Beta-2-microglobulin
3 polymer Valpha14
4 polymer Vbeta8.2
5 branched 2-acetamido-2-deoxy-beta-D-glucopyranose-(1-4)-2-acetamido-2-deoxy-beta-D-glucopyranose
6 branched alpha-D-mannopyranose-(1-4)-2-acetamido-2-deoxy-beta-D-glucopyranose-(1-4)-[beta-L-fucopyranose-(1-6)]2-acetamido-2-deoxy-beta-D-glucopyranose
7 non-polymer N-[(2S,3R,4E)-1-{[alpha-D-galactopyranosyl-(1->3)-beta-D-galactopyranosyl-(1->4)-beta-D-glucopyranosyl]oxy}-3-hydroxyoctadec-4-en-2-yl]hexacosanamide
8 water water
#
loop_
_entity_poly.entity_id
_entity_poly.type
_entity_poly.pdbx_seq_one_letter_code
_entity_poly.pdbx_strand_id
1 'polypeptide(L)'
;SEAQQKNYTFRCLQMSSFANRSWSRTDSVVWLGDLQTHRWSNDSATISFTKPWSQGKLSNQQWEKLQHMFQVYRVSFTRD
IQELVKMMSPKEDYPIEIQLSAGCEMYPGNASESFLHVAFQGKYVVRFWGTSWQTVPGAPSWLDLPIKVLNADQGTSATV
QMLLNDTCPLFVRGLLEAGKSDLEKQEKPVAWLSSVPSSAHGHRQLVCHVSGFYPKPVWVMWMRGDQEQQGTHRGDFLPN
ADETWYLQATLDVEAGEEAGLACRVKHSSLGGQDIILYWHHHHHH
;
A
2 'polypeptide(L)'
;IQKTPQIQVYSRHPPENGKPNILNCYVTQFHPPHIEIQMLKNGKKIPKVEMSDMSFSKDWSFYILAHTEFTPTETDTYAC
RVKHASMAEPKTVYWDRDM
;
B
3 'polypeptide(L)'
;MKTQVEQSPQSLVVRQGENCVLQCNYSVTPDNHLRWFKQDTGKGLVSLTVLVDQKDKTSNGRYSATLDKDAKHSTLHITA
TLLDDTATYICVVGDRGSALGRLHFGAGTQLIVIPDIQNPDPAVYQLRDSKSSDKSVCLFTDFDSQTNVSQSKDSDVYIT
DKCVLDMRSMDFKSNSAVAWSNKSDFACANAFNNSIIPEDTFFPSPESS
;
C
4 'polypeptide(L)'
;MEAAVTQSPRNKVAVTGGKVTLSCNQTNNHNNMYWYRQDTGHGLRLIHYSYGAGSTEKGDIPDGYKASRPSQENFSLILE
LATPSQTSVYFCASGDEGYTQYFGPGTRLLVLEDLRNVTPPKVSLFEPSKAEISHTQKATLVCLATGFYPDHVELSWWVN
GKEVHSGVCTDPQPLKEQPALNDSRYSLSSRLRVSATFWQNPRNHFRCQVQFYGLSENDEWTQDRAKPVTQIVSAEAWGR
A
;
D
#
loop_
_chem_comp.id
_chem_comp.type
_chem_comp.name
_chem_comp.formula
FUL L-saccharide, beta linking beta-L-fucopyranose 'C6 H12 O5'
LGN non-polymer N-[(2S,3R,4E)-1-{[alpha-D-galactopyranosyl-(1->3)-beta-D-galactopyranosyl-(1->4)-beta-D-glucopyranosyl]oxy}-3-hydroxyoctadec-4-en-2-yl]hexacosanamide 'C62 H117 N O18'
MAN D-saccharide, alpha linking alpha-D-mannopyranose 'C6 H12 O6'
NAG D-saccharide, beta linking 2-acetamido-2-deoxy-beta-D-glucopyranose 'C8 H15 N O6'
#
# COMPACT_ATOMS: atom_id res chain seq x y z
N LYS A 6 1.66 -5.94 45.94
CA LYS A 6 2.28 -4.89 45.10
C LYS A 6 1.95 -5.09 43.62
N ASN A 7 1.29 -4.11 43.03
CA ASN A 7 0.88 -4.16 41.63
C ASN A 7 1.96 -3.61 40.70
N TYR A 8 2.24 -4.34 39.62
CA TYR A 8 3.24 -3.92 38.64
C TYR A 8 2.59 -3.49 37.33
N THR A 9 2.97 -2.30 36.87
CA THR A 9 2.48 -1.77 35.60
C THR A 9 3.53 -1.97 34.50
N PHE A 10 3.12 -2.64 33.43
CA PHE A 10 3.96 -2.91 32.28
C PHE A 10 3.69 -1.87 31.20
N ARG A 11 4.74 -1.16 30.78
CA ARG A 11 4.60 -0.05 29.83
C ARG A 11 5.51 -0.18 28.62
N CYS A 12 4.91 -0.09 27.43
CA CYS A 12 5.64 -0.03 26.18
C CYS A 12 5.51 1.38 25.61
N LEU A 13 6.55 2.18 25.80
CA LEU A 13 6.49 3.58 25.42
C LEU A 13 7.17 3.83 24.07
N GLN A 14 6.38 4.23 23.09
CA GLN A 14 6.88 4.52 21.75
C GLN A 14 6.80 6.01 21.44
N MET A 15 7.87 6.54 20.86
CA MET A 15 7.91 7.94 20.44
C MET A 15 8.34 8.05 18.99
N SER A 16 7.48 8.67 18.18
CA SER A 16 7.73 8.82 16.74
C SER A 16 7.74 10.28 16.33
N SER A 17 8.80 10.66 15.61
CA SER A 17 8.97 12.04 15.14
C SER A 17 8.91 12.12 13.62
N PHE A 18 8.13 13.08 13.11
CA PHE A 18 7.98 13.30 11.68
C PHE A 18 8.26 14.77 11.35
N ALA A 19 9.47 15.05 10.89
CA ALA A 19 9.89 16.44 10.61
C ALA A 19 9.32 16.98 9.31
N ASN A 20 9.19 16.11 8.31
CA ASN A 20 8.61 16.46 7.02
C ASN A 20 8.18 15.20 6.26
N ARG A 21 7.76 15.35 5.02
CA ARG A 21 7.32 14.22 4.19
C ARG A 21 8.25 13.01 4.09
N SER A 22 9.55 13.24 4.21
CA SER A 22 10.55 12.18 4.04
C SER A 22 11.19 11.70 5.35
N TRP A 23 11.63 12.64 6.17
CA TRP A 23 12.36 12.32 7.41
C TRP A 23 11.44 11.79 8.51
N SER A 24 11.86 10.71 9.16
CA SER A 24 11.09 10.07 10.23
C SER A 24 11.95 9.13 11.07
N ARG A 25 11.68 9.08 12.36
CA ARG A 25 12.33 8.11 13.25
C ARG A 25 11.39 7.63 14.36
N THR A 26 11.59 6.39 14.79
CA THR A 26 10.77 5.77 15.84
C THR A 26 11.65 5.02 16.85
N ASP A 27 11.60 5.45 18.10
CA ASP A 27 12.34 4.82 19.19
C ASP A 27 11.38 4.33 20.26
N SER A 28 11.70 3.20 20.88
CA SER A 28 10.83 2.58 21.88
C SER A 28 11.59 2.15 23.13
N VAL A 29 10.93 2.29 24.28
CA VAL A 29 11.44 1.80 25.56
C VAL A 29 10.35 1.03 26.28
N VAL A 30 10.75 0.01 27.04
CA VAL A 30 9.79 -0.82 27.77
C VAL A 30 10.13 -0.87 29.26
N TRP A 31 9.12 -0.61 30.09
CA TRP A 31 9.28 -0.55 31.54
C TRP A 31 8.40 -1.57 32.27
N LEU A 32 8.99 -2.24 33.26
CA LEU A 32 8.23 -3.05 34.21
C LEU A 32 8.40 -2.43 35.59
N GLY A 33 7.41 -1.64 36.00
CA GLY A 33 7.51 -0.84 37.21
C GLY A 33 8.37 0.37 36.92
N ASP A 34 9.52 0.46 37.60
CA ASP A 34 10.48 1.54 37.36
C ASP A 34 11.81 1.01 36.79
N LEU A 35 11.79 -0.22 36.31
CA LEU A 35 12.98 -0.86 35.73
C LEU A 35 12.80 -1.12 34.23
N GLN A 36 13.77 -0.69 33.43
CA GLN A 36 13.72 -0.86 31.99
C GLN A 36 14.01 -2.31 31.60
N THR A 37 13.18 -2.86 30.72
CA THR A 37 13.33 -4.25 30.28
C THR A 37 13.77 -4.36 28.82
N HIS A 38 13.31 -3.43 27.98
CA HIS A 38 13.67 -3.45 26.56
C HIS A 38 14.02 -2.07 26.00
N ARG A 39 14.89 -2.08 24.99
CA ARG A 39 15.24 -0.89 24.24
C ARG A 39 15.11 -1.20 22.75
N TRP A 40 14.50 -0.30 22.00
CA TRP A 40 14.44 -0.44 20.55
C TRP A 40 14.69 0.89 19.85
N SER A 41 15.93 1.10 19.43
CA SER A 41 16.34 2.30 18.72
C SER A 41 15.98 2.20 17.24
N ASN A 42 15.73 3.34 16.61
CA ASN A 42 15.43 3.41 15.18
C ASN A 42 16.56 2.83 14.32
N ASP A 43 17.79 2.98 14.81
CA ASP A 43 18.98 2.47 14.13
C ASP A 43 19.06 0.95 14.21
N SER A 44 18.50 0.39 15.28
CA SER A 44 18.50 -1.05 15.50
C SER A 44 17.38 -1.75 14.75
N ALA A 45 17.72 -2.87 14.13
CA ALA A 45 16.74 -3.68 13.40
C ALA A 45 15.99 -4.65 14.33
N THR A 46 16.57 -4.89 15.49
CA THR A 46 16.01 -5.83 16.48
C THR A 46 15.80 -5.15 17.83
N ILE A 47 14.84 -5.66 18.60
CA ILE A 47 14.58 -5.19 19.96
C ILE A 47 15.67 -5.74 20.89
N SER A 48 16.24 -4.85 21.71
CA SER A 48 17.32 -5.21 22.61
C SER A 48 16.84 -5.43 24.04
N PHE A 49 17.39 -6.47 24.68
CA PHE A 49 17.14 -6.73 26.09
C PHE A 49 18.05 -5.85 26.94
N THR A 50 17.49 -5.24 27.98
CA THR A 50 18.30 -4.46 28.93
C THR A 50 18.42 -5.21 30.27
N LYS A 51 17.68 -6.30 30.40
CA LYS A 51 17.80 -7.22 31.52
C LYS A 51 18.06 -8.64 31.00
N PRO A 52 18.78 -9.46 31.78
CA PRO A 52 19.03 -10.85 31.36
C PRO A 52 17.74 -11.66 31.21
N TRP A 53 16.68 -11.23 31.90
CA TRP A 53 15.41 -11.94 31.95
C TRP A 53 14.31 -11.27 31.12
N SER A 54 14.70 -10.41 30.19
CA SER A 54 13.74 -9.63 29.39
C SER A 54 12.91 -10.45 28.40
N GLN A 55 13.37 -11.67 28.10
CA GLN A 55 12.63 -12.59 27.24
C GLN A 55 11.45 -13.23 27.99
N GLY A 56 11.49 -13.15 29.32
CA GLY A 56 10.42 -13.67 30.17
C GLY A 56 10.39 -15.19 30.18
N LYS A 57 9.21 -15.76 29.95
CA LYS A 57 9.05 -17.21 29.88
C LYS A 57 8.68 -17.67 28.46
N LEU A 58 8.87 -16.79 27.49
CA LEU A 58 8.65 -17.11 26.09
C LEU A 58 9.83 -17.90 25.53
N SER A 59 9.52 -18.92 24.72
CA SER A 59 10.55 -19.69 24.03
C SER A 59 11.17 -18.84 22.91
N ASN A 60 12.32 -19.28 22.41
CA ASN A 60 13.01 -18.57 21.34
C ASN A 60 12.15 -18.39 20.09
N GLN A 61 11.42 -19.44 19.72
CA GLN A 61 10.51 -19.39 18.57
C GLN A 61 9.36 -18.41 18.79
N GLN A 62 8.87 -18.34 20.02
CA GLN A 62 7.78 -17.42 20.38
C GLN A 62 8.21 -15.96 20.35
N TRP A 63 9.46 -15.69 20.75
CA TRP A 63 9.99 -14.33 20.76
C TRP A 63 10.32 -13.80 19.35
N GLU A 64 10.95 -14.65 18.54
CA GLU A 64 11.30 -14.26 17.16
C GLU A 64 10.06 -13.89 16.36
N LYS A 65 9.00 -14.68 16.51
CA LYS A 65 7.71 -14.44 15.86
C LYS A 65 7.08 -13.13 16.36
N LEU A 66 7.23 -12.86 17.65
CA LEU A 66 6.69 -11.66 18.27
C LEU A 66 7.46 -10.41 17.87
N GLN A 67 8.79 -10.51 17.84
CA GLN A 67 9.65 -9.41 17.39
C GLN A 67 9.39 -9.06 15.94
N HIS A 68 9.28 -10.10 15.10
CA HIS A 68 9.02 -9.94 13.67
C HIS A 68 7.72 -9.18 13.40
N MET A 69 6.71 -9.43 14.24
CA MET A 69 5.44 -8.72 14.16
C MET A 69 5.63 -7.21 14.38
N PHE A 70 6.47 -6.85 15.35
CA PHE A 70 6.80 -5.46 15.63
C PHE A 70 7.69 -4.84 14.55
N GLN A 71 8.62 -5.65 14.03
CA GLN A 71 9.52 -5.22 12.96
C GLN A 71 8.74 -4.76 11.73
N VAL A 72 7.72 -5.52 11.36
CA VAL A 72 6.82 -5.18 10.25
C VAL A 72 5.95 -3.97 10.63
N TYR A 73 5.53 -3.93 11.90
CA TYR A 73 4.70 -2.84 12.41
C TYR A 73 5.38 -1.47 12.31
N ARG A 74 6.65 -1.40 12.72
CA ARG A 74 7.41 -0.15 12.72
C ARG A 74 7.47 0.47 11.32
N VAL A 75 7.72 -0.37 10.32
CA VAL A 75 7.74 0.03 8.93
C VAL A 75 6.33 0.46 8.48
N SER A 76 5.33 -0.33 8.87
CA SER A 76 3.94 -0.06 8.51
C SER A 76 3.43 1.24 9.13
N PHE A 77 3.64 1.39 10.44
CA PHE A 77 3.24 2.57 11.19
C PHE A 77 3.81 3.85 10.58
N THR A 78 5.08 3.80 10.19
CA THR A 78 5.77 4.93 9.57
C THR A 78 5.09 5.38 8.28
N ARG A 79 4.75 4.42 7.43
CA ARG A 79 4.10 4.71 6.14
C ARG A 79 2.66 5.20 6.34
N ASP A 80 1.94 4.58 7.28
CA ASP A 80 0.55 4.89 7.53
C ASP A 80 0.34 6.32 8.05
N ILE A 81 1.15 6.73 9.01
CA ILE A 81 1.10 8.10 9.54
C ILE A 81 1.34 9.10 8.42
N GLN A 82 2.35 8.82 7.59
CA GLN A 82 2.67 9.67 6.44
C GLN A 82 1.51 9.78 5.46
N GLU A 83 0.76 8.70 5.30
CA GLU A 83 -0.43 8.70 4.43
C GLU A 83 -1.62 9.38 5.09
N LEU A 84 -1.67 9.33 6.42
CA LEU A 84 -2.73 10.00 7.18
C LEU A 84 -2.58 11.52 7.18
N VAL A 85 -1.34 11.98 7.07
CA VAL A 85 -1.04 13.41 6.93
C VAL A 85 -1.52 13.89 5.56
N LYS A 86 -1.33 13.04 4.55
CA LYS A 86 -1.76 13.32 3.17
C LYS A 86 -3.29 13.44 3.04
N MET A 87 -4.02 12.76 3.92
CA MET A 87 -5.47 12.82 3.94
C MET A 87 -5.99 14.15 4.50
N MET A 88 -5.21 14.76 5.39
CA MET A 88 -5.63 15.98 6.07
C MET A 88 -5.13 17.24 5.37
N SER A 89 -3.86 17.24 4.98
CA SER A 89 -3.20 18.40 4.35
C SER A 89 -4.10 19.15 3.37
N PRO A 90 -4.19 20.49 3.51
CA PRO A 90 -3.41 21.33 4.43
C PRO A 90 -4.09 21.60 5.79
N LYS A 91 -4.80 20.61 6.32
CA LYS A 91 -5.39 20.70 7.65
C LYS A 91 -4.32 20.50 8.73
N GLU A 92 -3.52 19.44 8.57
CA GLU A 92 -2.43 19.16 9.50
C GLU A 92 -1.06 19.24 8.82
N ASP A 93 -0.05 19.61 9.60
CA ASP A 93 1.28 19.90 9.05
C ASP A 93 2.42 19.45 9.97
N TYR A 94 3.55 19.10 9.36
CA TYR A 94 4.77 18.75 10.08
C TYR A 94 5.38 20.01 10.73
N PRO A 95 6.16 19.85 11.82
CA PRO A 95 6.58 18.61 12.49
C PRO A 95 5.46 17.94 13.29
N ILE A 96 5.45 16.61 13.29
CA ILE A 96 4.42 15.83 13.98
C ILE A 96 5.05 14.84 14.96
N GLU A 97 4.52 14.81 16.17
CA GLU A 97 4.97 13.89 17.21
C GLU A 97 3.86 12.93 17.63
N ILE A 98 4.11 11.64 17.48
CA ILE A 98 3.18 10.60 17.93
C ILE A 98 3.78 9.85 19.10
N GLN A 99 3.00 9.71 20.17
CA GLN A 99 3.42 8.94 21.34
C GLN A 99 2.43 7.81 21.61
N LEU A 100 2.95 6.62 21.87
CA LEU A 100 2.11 5.46 22.20
C LEU A 100 2.49 4.88 23.56
N SER A 101 1.49 4.75 24.43
CA SER A 101 1.67 4.11 25.73
C SER A 101 0.79 2.88 25.81
N ALA A 102 1.40 1.71 25.66
CA ALA A 102 0.68 0.45 25.64
C ALA A 102 1.19 -0.52 26.69
N GLY A 103 0.34 -1.43 27.12
CA GLY A 103 0.71 -2.44 28.11
C GLY A 103 -0.46 -2.86 28.98
N CYS A 104 -0.13 -3.47 30.12
CA CYS A 104 -1.14 -3.97 31.05
C CYS A 104 -0.69 -3.86 32.50
N GLU A 105 -1.63 -3.60 33.39
CA GLU A 105 -1.37 -3.52 34.83
C GLU A 105 -1.83 -4.82 35.51
N MET A 106 -0.95 -5.40 36.32
CA MET A 106 -1.20 -6.69 36.95
C MET A 106 -1.79 -6.57 38.36
N TYR A 107 -2.65 -7.51 38.72
CA TYR A 107 -3.33 -7.51 40.01
C TYR A 107 -3.25 -8.90 40.67
N PRO A 108 -3.50 -8.98 42.00
CA PRO A 108 -3.51 -10.25 42.72
C PRO A 108 -4.33 -11.34 42.02
N GLY A 109 -3.79 -12.55 41.99
CA GLY A 109 -4.40 -13.66 41.26
C GLY A 109 -4.03 -13.62 39.79
N ASN A 110 -5.03 -13.81 38.94
CA ASN A 110 -4.84 -13.74 37.49
C ASN A 110 -5.72 -12.67 36.85
N ALA A 111 -5.81 -11.52 37.52
CA ALA A 111 -6.59 -10.38 37.02
C ALA A 111 -5.67 -9.28 36.50
N SER A 112 -6.07 -8.66 35.39
CA SER A 112 -5.30 -7.59 34.77
C SER A 112 -6.19 -6.64 33.96
N GLU A 113 -5.63 -5.48 33.60
CA GLU A 113 -6.30 -4.52 32.73
C GLU A 113 -5.31 -3.95 31.73
N SER A 114 -5.63 -4.10 30.44
CA SER A 114 -4.74 -3.64 29.36
C SER A 114 -5.14 -2.27 28.83
N PHE A 115 -4.15 -1.58 28.25
CA PHE A 115 -4.36 -0.23 27.72
C PHE A 115 -3.49 0.03 26.49
N LEU A 116 -3.98 0.91 25.61
CA LEU A 116 -3.22 1.41 24.49
C LEU A 116 -3.61 2.86 24.24
N HIS A 117 -2.78 3.77 24.73
CA HIS A 117 -3.06 5.20 24.68
C HIS A 117 -2.16 5.90 23.67
N VAL A 118 -2.75 6.78 22.87
CA VAL A 118 -2.04 7.49 21.80
C VAL A 118 -2.09 9.00 22.01
N ALA A 119 -0.96 9.66 21.84
CA ALA A 119 -0.86 11.12 21.95
C ALA A 119 -0.45 11.76 20.63
N PHE A 120 -1.08 12.89 20.33
CA PHE A 120 -0.76 13.67 19.13
C PHE A 120 -0.30 15.06 19.56
N GLN A 121 0.93 15.40 19.19
CA GLN A 121 1.57 16.68 19.56
C GLN A 121 1.60 16.93 21.07
N GLY A 122 1.77 15.86 21.85
CA GLY A 122 1.85 15.95 23.31
C GLY A 122 0.50 15.90 24.01
N LYS A 123 -0.56 15.73 23.23
CA LYS A 123 -1.92 15.66 23.77
C LYS A 123 -2.55 14.30 23.53
N TYR A 124 -3.04 13.69 24.61
CA TYR A 124 -3.74 12.40 24.56
C TYR A 124 -5.06 12.55 23.80
N VAL A 125 -5.21 11.77 22.73
CA VAL A 125 -6.36 11.92 21.82
C VAL A 125 -7.04 10.60 21.44
N VAL A 126 -6.27 9.53 21.33
CA VAL A 126 -6.78 8.25 20.82
C VAL A 126 -6.44 7.10 21.76
N ARG A 127 -7.38 6.15 21.89
CA ARG A 127 -7.14 4.91 22.62
C ARG A 127 -7.75 3.71 21.88
N PHE A 128 -7.20 2.53 22.12
CA PHE A 128 -7.84 1.30 21.68
C PHE A 128 -8.68 0.76 22.82
N TRP A 129 -9.99 0.67 22.60
CA TRP A 129 -10.92 0.20 23.62
C TRP A 129 -11.88 -0.85 23.06
N GLY A 130 -11.87 -2.03 23.67
CA GLY A 130 -12.72 -3.12 23.25
C GLY A 130 -12.23 -3.80 21.98
N THR A 131 -12.84 -3.42 20.85
CA THR A 131 -12.53 -4.03 19.56
C THR A 131 -12.16 -3.00 18.49
N SER A 132 -12.06 -1.73 18.88
CA SER A 132 -11.84 -0.65 17.92
C SER A 132 -11.06 0.53 18.49
N TRP A 133 -10.57 1.38 17.59
CA TRP A 133 -9.95 2.65 17.96
C TRP A 133 -11.04 3.70 18.17
N GLN A 134 -10.84 4.57 19.15
CA GLN A 134 -11.78 5.66 19.43
C GLN A 134 -11.06 6.89 20.00
N THR A 135 -11.67 8.05 19.79
CA THR A 135 -11.14 9.31 20.33
C THR A 135 -11.65 9.53 21.75
N VAL A 136 -10.83 10.17 22.58
CA VAL A 136 -11.20 10.50 23.96
C VAL A 136 -11.77 11.93 24.04
N PRO A 137 -12.45 12.27 25.16
CA PRO A 137 -12.94 13.64 25.32
C PRO A 137 -11.81 14.67 25.21
N GLY A 138 -12.06 15.74 24.45
CA GLY A 138 -11.06 16.78 24.23
C GLY A 138 -10.40 16.72 22.86
N ALA A 139 -10.52 15.58 22.19
CA ALA A 139 -9.90 15.35 20.89
C ALA A 139 -10.58 16.15 19.78
N PRO A 140 -9.79 16.73 18.86
CA PRO A 140 -10.33 17.46 17.70
C PRO A 140 -11.06 16.53 16.74
N SER A 141 -12.09 17.06 16.08
CA SER A 141 -13.01 16.27 15.27
C SER A 141 -12.41 15.68 13.99
N TRP A 142 -11.35 16.30 13.46
CA TRP A 142 -10.72 15.84 12.23
C TRP A 142 -10.16 14.42 12.36
N LEU A 143 -9.91 14.00 13.60
CA LEU A 143 -9.41 12.66 13.90
C LEU A 143 -10.42 11.54 13.61
N ASP A 144 -11.66 11.91 13.33
CA ASP A 144 -12.71 10.94 12.99
C ASP A 144 -12.44 10.23 11.66
N LEU A 145 -11.70 10.88 10.76
CA LEU A 145 -11.31 10.26 9.50
C LEU A 145 -10.21 9.19 9.67
N PRO A 146 -9.09 9.53 10.37
CA PRO A 146 -8.10 8.49 10.66
C PRO A 146 -8.68 7.32 11.44
N ILE A 147 -9.54 7.61 12.44
CA ILE A 147 -10.20 6.58 13.24
C ILE A 147 -11.04 5.63 12.37
N LYS A 148 -11.84 6.21 11.48
CA LYS A 148 -12.67 5.41 10.56
C LYS A 148 -11.81 4.56 9.62
N VAL A 149 -10.66 5.09 9.21
CA VAL A 149 -9.73 4.38 8.33
C VAL A 149 -9.04 3.24 9.07
N LEU A 150 -8.55 3.53 10.28
CA LEU A 150 -7.86 2.53 11.10
C LEU A 150 -8.79 1.40 11.55
N ASN A 151 -10.07 1.72 11.75
CA ASN A 151 -11.07 0.73 12.13
C ASN A 151 -11.49 -0.20 10.99
N ALA A 152 -11.31 0.28 9.76
CA ALA A 152 -11.61 -0.52 8.57
C ALA A 152 -10.64 -1.70 8.42
N ASP A 153 -9.45 -1.57 9.01
CA ASP A 153 -8.46 -2.63 9.03
C ASP A 153 -8.83 -3.66 10.10
N GLN A 154 -9.50 -4.73 9.66
CA GLN A 154 -9.95 -5.80 10.57
C GLN A 154 -8.78 -6.61 11.11
N GLY A 155 -7.75 -6.78 10.27
CA GLY A 155 -6.55 -7.53 10.64
C GLY A 155 -5.76 -6.89 11.76
N THR A 156 -5.62 -5.57 11.70
CA THR A 156 -4.96 -4.80 12.76
C THR A 156 -5.76 -4.88 14.06
N SER A 157 -7.08 -4.76 13.94
CA SER A 157 -7.98 -4.83 15.08
C SER A 157 -7.85 -6.15 15.86
N ALA A 158 -7.89 -7.26 15.14
CA ALA A 158 -7.80 -8.60 15.76
C ALA A 158 -6.43 -8.85 16.38
N THR A 159 -5.38 -8.30 15.76
CA THR A 159 -4.01 -8.44 16.25
C THR A 159 -3.83 -7.67 17.55
N VAL A 160 -4.28 -6.42 17.57
CA VAL A 160 -4.20 -5.55 18.75
C VAL A 160 -5.00 -6.14 19.91
N GLN A 161 -6.18 -6.67 19.61
CA GLN A 161 -7.01 -7.35 20.60
C GLN A 161 -6.29 -8.52 21.26
N MET A 162 -5.59 -9.33 20.47
CA MET A 162 -4.84 -10.47 20.98
C MET A 162 -3.63 -10.04 21.80
N LEU A 163 -2.96 -8.98 21.35
CA LEU A 163 -1.79 -8.43 22.06
C LEU A 163 -2.15 -7.89 23.43
N LEU A 164 -3.29 -7.23 23.53
CA LEU A 164 -3.75 -6.63 24.79
C LEU A 164 -4.44 -7.62 25.71
N ASN A 165 -5.40 -8.38 25.18
CA ASN A 165 -6.18 -9.34 25.98
C ASN A 165 -5.36 -10.52 26.48
N ASP A 166 -4.55 -11.11 25.60
CA ASP A 166 -3.91 -12.39 25.86
C ASP A 166 -2.39 -12.32 26.04
N THR A 167 -1.71 -11.67 25.09
CA THR A 167 -0.24 -11.65 25.07
C THR A 167 0.37 -10.89 26.24
N CYS A 168 -0.11 -9.66 26.48
CA CYS A 168 0.43 -8.80 27.55
C CYS A 168 0.40 -9.49 28.93
N PRO A 169 -0.79 -9.88 29.42
CA PRO A 169 -0.84 -10.51 30.74
C PRO A 169 0.06 -11.74 30.86
N LEU A 170 0.04 -12.60 29.84
CA LEU A 170 0.85 -13.82 29.82
C LEU A 170 2.35 -13.53 29.90
N PHE A 171 2.81 -12.56 29.12
CA PHE A 171 4.21 -12.17 29.05
C PHE A 171 4.72 -11.57 30.36
N VAL A 172 3.87 -10.75 31.00
CA VAL A 172 4.23 -10.09 32.26
C VAL A 172 4.24 -11.07 33.42
N ARG A 173 3.26 -11.97 33.45
CA ARG A 173 3.24 -13.07 34.42
C ARG A 173 4.55 -13.86 34.36
N GLY A 174 5.10 -13.96 33.16
CA GLY A 174 6.39 -14.60 32.93
C GLY A 174 7.58 -13.75 33.33
N LEU A 175 7.48 -12.44 33.09
CA LEU A 175 8.52 -11.49 33.46
C LEU A 175 8.70 -11.38 34.97
N LEU A 176 7.60 -11.42 35.70
CA LEU A 176 7.61 -11.32 37.16
C LEU A 176 8.28 -12.54 37.81
N GLU A 177 8.16 -13.70 37.16
CA GLU A 177 8.80 -14.92 37.62
C GLU A 177 10.30 -14.89 37.35
N ALA A 178 10.67 -14.48 36.14
CA ALA A 178 12.07 -14.44 35.72
C ALA A 178 12.83 -13.27 36.33
N GLY A 179 12.13 -12.19 36.62
CA GLY A 179 12.75 -10.97 37.15
C GLY A 179 12.53 -10.74 38.63
N LYS A 180 12.02 -11.74 39.33
CA LYS A 180 11.73 -11.66 40.76
C LYS A 180 12.92 -11.19 41.59
N SER A 181 14.10 -11.70 41.25
CA SER A 181 15.35 -11.36 41.96
C SER A 181 15.72 -9.88 41.83
N ASP A 182 15.53 -9.31 40.63
CA ASP A 182 15.83 -7.91 40.39
C ASP A 182 14.72 -6.97 40.85
N LEU A 183 13.46 -7.39 40.70
CA LEU A 183 12.31 -6.58 41.09
C LEU A 183 12.22 -6.41 42.61
N GLU A 184 12.61 -7.45 43.34
CA GLU A 184 12.54 -7.46 44.81
C GLU A 184 13.88 -7.12 45.46
N LYS A 185 14.77 -6.47 44.72
CA LYS A 185 16.10 -6.11 45.22
C LYS A 185 16.02 -5.03 46.29
N GLN A 186 17.00 -5.01 47.19
CA GLN A 186 17.06 -4.03 48.27
C GLN A 186 18.41 -3.31 48.30
N GLU A 187 18.40 -2.04 47.88
CA GLU A 187 19.60 -1.20 47.89
C GLU A 187 19.53 -0.18 49.02
N LYS A 188 20.60 -0.10 49.80
CA LYS A 188 20.65 0.77 50.97
C LYS A 188 20.98 2.22 50.61
N PRO A 189 20.19 3.18 51.13
CA PRO A 189 20.44 4.60 50.89
C PRO A 189 21.64 5.13 51.66
N VAL A 190 22.25 6.18 51.13
CA VAL A 190 23.34 6.89 51.81
C VAL A 190 22.96 8.37 51.88
N ALA A 191 23.13 8.97 53.06
CA ALA A 191 22.70 10.34 53.30
C ALA A 191 23.84 11.29 53.66
N TRP A 192 23.71 12.54 53.22
CA TRP A 192 24.64 13.61 53.61
C TRP A 192 23.94 14.97 53.69
N LEU A 193 24.50 15.86 54.52
CA LEU A 193 23.87 17.16 54.80
C LEU A 193 24.65 18.33 54.20
N SER A 194 23.92 19.39 53.87
CA SER A 194 24.49 20.62 53.31
C SER A 194 23.56 21.82 53.58
N SER A 195 24.09 23.03 53.39
CA SER A 195 23.32 24.25 53.65
C SER A 195 23.51 25.31 52.57
N VAL A 196 22.42 26.01 52.25
CA VAL A 196 22.43 27.10 51.26
C VAL A 196 21.78 28.37 51.82
N PRO A 197 22.31 29.56 51.43
CA PRO A 197 21.71 30.83 51.84
C PRO A 197 20.36 31.09 51.18
N ARG A 204 18.55 30.62 56.25
CA ARG A 204 19.27 29.59 55.51
C ARG A 204 18.44 28.33 55.31
N GLN A 205 18.72 27.60 54.23
CA GLN A 205 18.02 26.37 53.92
C GLN A 205 18.96 25.17 54.06
N LEU A 206 18.55 24.20 54.87
CA LEU A 206 19.31 22.96 55.07
C LEU A 206 18.77 21.85 54.19
N VAL A 207 19.68 21.14 53.52
CA VAL A 207 19.33 20.08 52.59
C VAL A 207 19.84 18.73 53.07
N CYS A 208 18.93 17.76 53.14
CA CYS A 208 19.28 16.38 53.47
C CYS A 208 19.19 15.50 52.22
N HIS A 209 20.35 15.16 51.67
CA HIS A 209 20.42 14.35 50.45
C HIS A 209 20.34 12.87 50.79
N VAL A 210 19.53 12.12 50.03
CA VAL A 210 19.40 10.68 50.20
C VAL A 210 19.54 10.02 48.83
N SER A 211 20.52 9.13 48.70
CA SER A 211 20.85 8.55 47.40
C SER A 211 21.21 7.07 47.44
N GLY A 212 20.76 6.34 46.41
CA GLY A 212 21.14 4.94 46.20
C GLY A 212 20.19 3.90 46.77
N PHE A 213 18.93 4.28 46.95
CA PHE A 213 17.94 3.37 47.54
C PHE A 213 16.99 2.73 46.53
N TYR A 214 16.62 1.48 46.81
CA TYR A 214 15.60 0.76 46.06
C TYR A 214 14.90 -0.24 46.99
N PRO A 215 13.55 -0.34 46.90
CA PRO A 215 12.63 0.32 45.98
C PRO A 215 12.36 1.80 46.27
N LYS A 216 11.47 2.38 45.48
CA LYS A 216 11.16 3.82 45.49
C LYS A 216 10.62 4.38 46.82
N PRO A 217 9.68 3.66 47.49
CA PRO A 217 9.13 4.19 48.75
C PRO A 217 10.19 4.48 49.81
N VAL A 218 10.18 5.70 50.34
CA VAL A 218 11.14 6.14 51.35
C VAL A 218 10.53 7.21 52.27
N TRP A 219 11.05 7.30 53.49
CA TRP A 219 10.60 8.27 54.47
C TRP A 219 11.77 9.17 54.90
N VAL A 220 11.68 10.45 54.58
CA VAL A 220 12.72 11.42 54.93
C VAL A 220 12.09 12.63 55.62
N MET A 221 12.61 12.98 56.79
CA MET A 221 12.09 14.09 57.59
C MET A 221 13.17 14.72 58.45
N TRP A 222 13.14 16.05 58.55
CA TRP A 222 14.00 16.79 59.48
C TRP A 222 13.39 16.74 60.88
N MET A 223 14.23 16.52 61.88
CA MET A 223 13.78 16.36 63.26
C MET A 223 14.73 16.97 64.29
N ARG A 224 14.16 17.58 65.32
CA ARG A 224 14.92 17.96 66.51
C ARG A 224 14.54 17.03 67.65
N GLY A 225 15.33 15.97 67.81
CA GLY A 225 15.06 14.94 68.81
C GLY A 225 13.91 14.04 68.39
N ASP A 226 12.82 14.08 69.14
CA ASP A 226 11.63 13.27 68.87
C ASP A 226 10.54 14.06 68.14
N GLN A 227 10.79 15.35 67.92
CA GLN A 227 9.84 16.24 67.28
C GLN A 227 10.06 16.33 65.77
N GLU A 228 9.04 15.98 65.00
CA GLU A 228 9.09 16.06 63.54
C GLU A 228 8.80 17.49 63.08
N GLN A 229 9.68 18.02 62.23
CA GLN A 229 9.53 19.37 61.71
C GLN A 229 8.49 19.42 60.58
N GLN A 230 7.54 20.33 60.69
CA GLN A 230 6.44 20.45 59.74
C GLN A 230 6.85 21.13 58.44
N GLY A 231 7.85 22.00 58.51
CA GLY A 231 8.32 22.77 57.35
C GLY A 231 9.19 22.00 56.37
N THR A 232 9.32 20.69 56.60
CA THR A 232 10.10 19.81 55.73
C THR A 232 9.45 19.68 54.36
N HIS A 233 10.21 20.01 53.31
CA HIS A 233 9.73 19.92 51.93
C HIS A 233 10.49 18.87 51.15
N ARG A 234 9.77 17.83 50.72
CA ARG A 234 10.32 16.77 49.89
C ARG A 234 10.41 17.22 48.44
N GLY A 235 11.52 16.87 47.78
CA GLY A 235 11.67 17.13 46.35
C GLY A 235 11.05 16.02 45.52
N ASP A 236 11.46 15.94 44.26
CA ASP A 236 11.00 14.89 43.38
C ASP A 236 11.96 13.70 43.42
N PHE A 237 11.44 12.51 43.12
CA PHE A 237 12.29 11.32 43.01
C PHE A 237 13.12 11.39 41.73
N LEU A 238 14.43 11.59 41.91
CA LEU A 238 15.36 11.69 40.80
C LEU A 238 16.11 10.37 40.63
N PRO A 239 16.24 9.90 39.38
CA PRO A 239 16.87 8.59 39.17
C PRO A 239 18.39 8.65 39.13
N ASN A 240 19.03 7.54 39.49
CA ASN A 240 20.46 7.37 39.31
C ASN A 240 20.71 6.43 38.13
N ALA A 241 21.94 6.44 37.62
CA ALA A 241 22.33 5.64 36.45
C ALA A 241 22.32 4.14 36.71
N ASP A 242 22.51 3.74 37.97
CA ASP A 242 22.59 2.33 38.36
C ASP A 242 21.24 1.75 38.79
N GLU A 243 20.15 2.38 38.34
CA GLU A 243 18.77 1.97 38.65
C GLU A 243 18.43 2.08 40.14
N THR A 244 18.93 3.12 40.78
CA THR A 244 18.55 3.46 42.15
C THR A 244 17.94 4.87 42.17
N TRP A 245 17.40 5.27 43.32
CA TRP A 245 16.71 6.55 43.43
C TRP A 245 17.45 7.59 44.29
N TYR A 246 17.21 8.86 43.98
CA TYR A 246 17.77 10.00 44.71
C TYR A 246 16.64 10.93 45.13
N LEU A 247 16.70 11.39 46.38
CA LEU A 247 15.72 12.33 46.92
C LEU A 247 16.35 13.25 47.95
N GLN A 248 15.94 14.51 47.94
CA GLN A 248 16.42 15.50 48.92
C GLN A 248 15.27 16.20 49.65
N ALA A 249 15.49 16.49 50.93
CA ALA A 249 14.52 17.19 51.76
C ALA A 249 15.08 18.53 52.25
N THR A 250 14.29 19.59 52.06
CA THR A 250 14.72 20.94 52.43
C THR A 250 13.92 21.49 53.60
N LEU A 251 14.60 22.28 54.44
CA LEU A 251 13.97 22.91 55.61
C LEU A 251 14.47 24.34 55.77
N ASP A 252 13.53 25.29 55.79
CA ASP A 252 13.85 26.69 56.01
C ASP A 252 14.00 26.98 57.50
N VAL A 253 15.17 27.48 57.89
CA VAL A 253 15.47 27.79 59.28
C VAL A 253 16.19 29.13 59.44
N GLU A 254 16.11 29.70 60.65
CA GLU A 254 16.84 30.91 60.99
C GLU A 254 18.31 30.58 61.25
N ALA A 255 19.18 31.57 61.02
CA ALA A 255 20.62 31.39 61.23
C ALA A 255 20.97 31.33 62.71
N GLY A 256 21.70 30.28 63.10
CA GLY A 256 22.12 30.09 64.48
C GLY A 256 21.57 28.83 65.12
N GLU A 257 20.34 28.46 64.74
CA GLU A 257 19.66 27.31 65.33
C GLU A 257 19.77 26.03 64.48
N GLU A 258 20.90 25.87 63.80
CA GLU A 258 21.18 24.67 63.01
C GLU A 258 21.50 23.48 63.91
N ALA A 259 22.16 23.76 65.03
CA ALA A 259 22.54 22.73 66.00
C ALA A 259 21.33 22.14 66.71
N GLY A 260 21.26 20.81 66.72
CA GLY A 260 20.12 20.10 67.31
C GLY A 260 19.27 19.40 66.27
N LEU A 261 19.32 19.92 65.03
CA LEU A 261 18.56 19.35 63.91
C LEU A 261 19.22 18.08 63.38
N ALA A 262 18.39 17.09 63.06
CA ALA A 262 18.87 15.82 62.52
C ALA A 262 17.94 15.32 61.41
N CYS A 263 18.52 14.58 60.47
CA CYS A 263 17.75 14.01 59.37
C CYS A 263 17.61 12.49 59.55
N ARG A 264 16.38 12.05 59.85
CA ARG A 264 16.09 10.64 60.02
C ARG A 264 15.50 10.04 58.75
N VAL A 265 16.09 8.94 58.29
CA VAL A 265 15.67 8.29 57.04
C VAL A 265 15.24 6.85 57.29
N LYS A 266 14.01 6.53 56.89
CA LYS A 266 13.47 5.18 57.00
C LYS A 266 13.35 4.54 55.61
N HIS A 267 13.87 3.33 55.49
CA HIS A 267 13.78 2.57 54.24
C HIS A 267 13.80 1.06 54.50
N SER A 268 13.14 0.30 53.63
CA SER A 268 12.97 -1.15 53.78
C SER A 268 14.29 -1.93 53.80
N SER A 269 15.29 -1.41 53.10
CA SER A 269 16.61 -2.05 52.99
C SER A 269 17.39 -2.03 54.31
N LEU A 270 17.17 -0.98 55.11
CA LEU A 270 17.89 -0.78 56.36
C LEU A 270 17.53 -1.81 57.42
N GLY A 271 16.28 -2.25 57.42
CA GLY A 271 15.79 -3.27 58.34
C GLY A 271 15.73 -2.80 59.78
N GLY A 272 14.99 -1.72 60.01
CA GLY A 272 14.80 -1.17 61.36
C GLY A 272 15.80 -0.09 61.74
N GLN A 273 17.07 -0.33 61.42
CA GLN A 273 18.14 0.61 61.75
C GLN A 273 18.10 1.83 60.83
N ASP A 274 17.32 2.83 61.25
CA ASP A 274 17.17 4.08 60.50
C ASP A 274 18.44 4.90 60.53
N ILE A 275 18.74 5.57 59.41
CA ILE A 275 19.90 6.45 59.33
C ILE A 275 19.58 7.78 60.01
N ILE A 276 20.19 8.00 61.17
CA ILE A 276 20.09 9.27 61.87
C ILE A 276 21.37 10.07 61.65
N LEU A 277 21.21 11.31 61.18
CA LEU A 277 22.35 12.14 60.81
C LEU A 277 22.24 13.54 61.42
N TYR A 278 23.01 13.76 62.49
CA TYR A 278 23.02 15.03 63.20
C TYR A 278 23.93 16.05 62.50
N TRP A 279 23.71 17.32 62.79
CA TRP A 279 24.55 18.39 62.26
C TRP A 279 25.36 19.07 63.37
N GLN B 2 4.90 23.76 22.86
CA GLN B 2 6.30 23.58 23.37
C GLN B 2 6.35 23.53 24.89
N LYS B 3 7.23 22.68 25.42
CA LYS B 3 7.44 22.56 26.85
C LYS B 3 8.89 22.89 27.20
N THR B 4 9.07 23.81 28.15
CA THR B 4 10.40 24.22 28.59
C THR B 4 11.04 23.19 29.55
N PRO B 5 12.29 22.79 29.28
CA PRO B 5 12.97 21.74 30.04
C PRO B 5 13.41 22.17 31.44
N GLN B 6 13.27 21.28 32.41
CA GLN B 6 13.74 21.52 33.78
C GLN B 6 15.00 20.70 34.05
N ILE B 7 16.06 21.38 34.45
CA ILE B 7 17.37 20.75 34.64
C ILE B 7 17.73 20.64 36.12
N GLN B 8 18.13 19.44 36.54
CA GLN B 8 18.55 19.18 37.91
C GLN B 8 19.89 18.44 37.94
N VAL B 9 20.88 19.05 38.56
CA VAL B 9 22.23 18.48 38.66
C VAL B 9 22.51 18.00 40.09
N TYR B 10 22.93 16.74 40.20
CA TYR B 10 23.16 16.10 41.50
C TYR B 10 24.16 14.95 41.39
N SER B 11 24.84 14.65 42.50
CA SER B 11 25.85 13.60 42.56
C SER B 11 25.28 12.28 43.08
N ARG B 12 25.86 11.18 42.60
CA ARG B 12 25.44 9.83 43.00
C ARG B 12 25.81 9.51 44.45
N HIS B 13 27.05 9.83 44.82
CA HIS B 13 27.56 9.60 46.17
C HIS B 13 27.83 10.93 46.87
N PRO B 14 27.96 10.93 48.22
CA PRO B 14 28.34 12.15 48.94
C PRO B 14 29.67 12.71 48.44
N PRO B 15 29.70 14.03 48.13
CA PRO B 15 30.85 14.66 47.48
C PRO B 15 32.04 14.88 48.42
N GLU B 16 33.17 14.28 48.05
CA GLU B 16 34.44 14.51 48.74
C GLU B 16 35.48 15.03 47.75
N ASN B 17 36.28 15.99 48.18
CA ASN B 17 37.34 16.54 47.35
C ASN B 17 38.46 15.53 47.11
N GLY B 18 38.73 15.25 45.83
CA GLY B 18 39.76 14.29 45.44
C GLY B 18 39.23 12.90 45.17
N LYS B 19 38.04 12.60 45.72
CA LYS B 19 37.42 11.29 45.56
C LYS B 19 36.56 11.24 44.29
N PRO B 20 36.82 10.26 43.40
CA PRO B 20 36.04 10.06 42.18
C PRO B 20 34.57 9.75 42.45
N ASN B 21 33.69 10.26 41.59
CA ASN B 21 32.24 10.16 41.76
C ASN B 21 31.55 10.20 40.38
N ILE B 22 30.22 10.09 40.38
CA ILE B 22 29.43 10.20 39.15
C ILE B 22 28.44 11.35 39.27
N LEU B 23 28.48 12.25 38.29
CA LEU B 23 27.57 13.40 38.26
C LEU B 23 26.39 13.12 37.34
N ASN B 24 25.18 13.40 37.84
CA ASN B 24 23.95 13.20 37.08
C ASN B 24 23.32 14.52 36.65
N CYS B 25 22.81 14.54 35.42
CA CYS B 25 22.01 15.66 34.94
C CYS B 25 20.64 15.14 34.49
N TYR B 26 19.59 15.64 35.13
CA TYR B 26 18.24 15.18 34.88
C TYR B 26 17.40 16.26 34.19
N VAL B 27 17.01 15.98 32.95
CA VAL B 27 16.24 16.92 32.14
C VAL B 27 14.83 16.38 31.92
N THR B 28 13.83 17.19 32.27
CA THR B 28 12.42 16.75 32.28
C THR B 28 11.46 17.80 31.74
N GLN B 29 10.20 17.39 31.56
CA GLN B 29 9.08 18.29 31.25
C GLN B 29 9.24 19.09 29.95
N PHE B 30 9.79 18.44 28.92
CA PHE B 30 10.04 19.12 27.65
C PHE B 30 9.39 18.46 26.43
N HIS B 31 9.02 19.30 25.47
CA HIS B 31 8.40 18.86 24.21
C HIS B 31 8.68 19.95 23.17
N PRO B 32 9.07 19.56 21.94
CA PRO B 32 9.26 18.22 21.36
C PRO B 32 10.48 17.47 21.93
N PRO B 33 10.62 16.16 21.61
CA PRO B 33 11.68 15.31 22.16
C PRO B 33 13.11 15.66 21.74
N HIS B 34 13.28 16.34 20.60
CA HIS B 34 14.62 16.69 20.12
C HIS B 34 15.32 17.65 21.07
N ILE B 35 16.48 17.22 21.59
CA ILE B 35 17.22 17.97 22.59
C ILE B 35 18.74 17.73 22.48
N GLU B 36 19.52 18.72 22.89
CA GLU B 36 20.97 18.61 22.91
C GLU B 36 21.51 18.89 24.32
N ILE B 37 22.03 17.85 24.96
CA ILE B 37 22.52 17.97 26.34
C ILE B 37 24.05 17.82 26.40
N GLN B 38 24.68 18.79 27.04
CA GLN B 38 26.13 18.78 27.26
C GLN B 38 26.42 18.86 28.75
N MET B 39 27.40 18.07 29.20
CA MET B 39 27.89 18.19 30.56
C MET B 39 29.27 18.83 30.53
N LEU B 40 29.40 19.94 31.25
CA LEU B 40 30.59 20.79 31.15
C LEU B 40 31.45 20.77 32.41
N LYS B 41 32.77 20.80 32.20
CA LYS B 41 33.74 21.00 33.28
C LYS B 41 34.49 22.29 32.98
N ASN B 42 34.32 23.28 33.85
CA ASN B 42 34.91 24.62 33.69
C ASN B 42 34.51 25.28 32.36
N GLY B 43 33.29 25.00 31.90
CA GLY B 43 32.78 25.54 30.64
C GLY B 43 33.23 24.76 29.41
N LYS B 44 33.98 23.68 29.63
CA LYS B 44 34.47 22.84 28.55
C LYS B 44 33.74 21.50 28.50
N LYS B 45 33.46 21.03 27.29
CA LYS B 45 32.70 19.80 27.06
C LYS B 45 33.44 18.55 27.53
N ILE B 46 32.80 17.77 28.40
CA ILE B 46 33.34 16.50 28.88
C ILE B 46 33.21 15.44 27.78
N PRO B 47 34.34 14.79 27.42
CA PRO B 47 34.40 13.85 26.29
C PRO B 47 33.38 12.72 26.33
N LYS B 48 33.40 11.91 27.40
CA LYS B 48 32.54 10.73 27.47
C LYS B 48 31.37 10.91 28.43
N VAL B 49 30.24 11.33 27.88
CA VAL B 49 29.01 11.53 28.64
C VAL B 49 27.97 10.49 28.20
N GLU B 50 27.61 9.61 29.12
CA GLU B 50 26.64 8.55 28.84
C GLU B 50 25.21 9.07 28.91
N MET B 51 24.35 8.49 28.07
CA MET B 51 22.95 8.88 27.98
C MET B 51 22.04 7.68 28.24
N SER B 52 21.02 7.88 29.08
CA SER B 52 19.98 6.88 29.26
C SER B 52 19.03 6.95 28.08
N ASP B 53 18.29 5.86 27.85
CA ASP B 53 17.30 5.83 26.78
C ASP B 53 16.19 6.83 27.08
N MET B 54 15.74 7.52 26.04
CA MET B 54 14.69 8.52 26.18
C MET B 54 13.34 7.89 26.47
N SER B 55 12.62 8.49 27.42
CA SER B 55 11.32 8.00 27.85
C SER B 55 10.39 9.18 28.18
N PHE B 56 9.12 8.89 28.43
CA PHE B 56 8.17 9.94 28.84
C PHE B 56 7.25 9.49 29.97
N SER B 57 6.79 10.47 30.76
CA SER B 57 5.94 10.22 31.91
C SER B 57 4.47 10.10 31.54
N LYS B 58 3.62 9.90 32.55
CA LYS B 58 2.18 9.75 32.36
C LYS B 58 1.50 11.01 31.80
N ASP B 59 2.11 12.17 32.04
CA ASP B 59 1.63 13.43 31.49
C ASP B 59 2.24 13.73 30.12
N TRP B 60 2.76 12.68 29.48
CA TRP B 60 3.31 12.72 28.11
C TRP B 60 4.55 13.60 27.94
N SER B 61 5.07 14.12 29.05
CA SER B 61 6.27 14.96 29.02
C SER B 61 7.51 14.05 29.00
N PHE B 62 8.48 14.42 28.17
CA PHE B 62 9.69 13.63 27.99
C PHE B 62 10.69 13.82 29.14
N TYR B 63 11.52 12.80 29.36
CA TYR B 63 12.61 12.86 30.32
C TYR B 63 13.80 11.99 29.91
N ILE B 64 14.99 12.45 30.26
CA ILE B 64 16.23 11.73 29.94
C ILE B 64 17.31 12.03 30.99
N LEU B 65 18.09 11.01 31.33
CA LEU B 65 19.18 11.14 32.29
C LEU B 65 20.54 11.06 31.61
N ALA B 66 21.36 12.08 31.86
CA ALA B 66 22.75 12.09 31.40
C ALA B 66 23.67 12.01 32.59
N HIS B 67 24.76 11.25 32.47
CA HIS B 67 25.72 11.09 33.55
C HIS B 67 27.15 10.93 33.06
N THR B 68 28.10 11.33 33.90
CA THR B 68 29.53 11.19 33.61
C THR B 68 30.35 11.03 34.89
N GLU B 69 31.53 10.43 34.78
CA GLU B 69 32.44 10.29 35.91
C GLU B 69 33.17 11.62 36.15
N PHE B 70 33.19 12.04 37.41
CA PHE B 70 33.84 13.30 37.78
C PHE B 70 34.52 13.24 39.14
N THR B 71 35.57 14.04 39.30
CA THR B 71 36.25 14.16 40.59
C THR B 71 36.14 15.61 41.08
N PRO B 72 35.25 15.85 42.07
CA PRO B 72 35.01 17.20 42.59
C PRO B 72 36.20 17.75 43.37
N THR B 73 36.53 19.02 43.12
CA THR B 73 37.64 19.67 43.73
C THR B 73 37.18 21.02 44.12
N GLU B 74 38.01 21.74 44.83
CA GLU B 74 37.54 22.99 45.35
C GLU B 74 37.43 24.04 44.28
N THR B 75 38.15 23.83 43.21
CA THR B 75 38.27 24.88 42.24
C THR B 75 37.30 24.63 41.11
N ASP B 76 37.33 23.41 40.62
CA ASP B 76 36.60 22.99 39.42
C ASP B 76 35.09 23.19 39.53
N THR B 77 34.52 23.81 38.50
CA THR B 77 33.07 24.00 38.42
C THR B 77 32.47 23.08 37.37
N TYR B 78 31.35 22.46 37.71
CA TYR B 78 30.66 21.53 36.82
C TYR B 78 29.26 22.05 36.50
N ALA B 79 28.81 21.79 35.27
CA ALA B 79 27.53 22.31 34.79
C ALA B 79 26.86 21.40 33.78
N CYS B 80 25.57 21.64 33.55
CA CYS B 80 24.81 20.94 32.52
C CYS B 80 24.16 21.95 31.58
N ARG B 81 24.54 21.89 30.31
CA ARG B 81 24.03 22.82 29.30
C ARG B 81 23.03 22.11 28.38
N VAL B 82 21.88 22.75 28.17
CA VAL B 82 20.78 22.16 27.40
C VAL B 82 20.27 23.12 26.34
N LYS B 83 20.22 22.64 25.09
CA LYS B 83 19.66 23.40 23.98
C LYS B 83 18.35 22.76 23.52
N HIS B 84 17.28 23.56 23.50
CA HIS B 84 15.96 23.09 23.10
C HIS B 84 15.25 24.14 22.24
N ALA B 85 14.28 23.69 21.45
CA ALA B 85 13.53 24.56 20.53
C ALA B 85 12.66 25.59 21.25
N SER B 86 12.22 25.25 22.47
CA SER B 86 11.38 26.12 23.28
C SER B 86 12.13 27.35 23.79
N MET B 87 13.45 27.20 23.99
CA MET B 87 14.29 28.29 24.49
C MET B 87 15.08 28.95 23.37
N ALA B 88 15.19 30.27 23.44
CA ALA B 88 16.01 31.04 22.50
C ALA B 88 17.50 30.85 22.81
N GLU B 89 17.83 30.92 24.10
CA GLU B 89 19.20 30.71 24.57
C GLU B 89 19.29 29.40 25.36
N PRO B 90 20.41 28.67 25.23
CA PRO B 90 20.60 27.42 25.97
C PRO B 90 20.77 27.66 27.48
N LYS B 91 19.91 27.03 28.27
CA LYS B 91 19.94 27.17 29.72
C LYS B 91 21.07 26.34 30.33
N THR B 92 21.89 27.01 31.15
CA THR B 92 23.00 26.36 31.83
C THR B 92 22.74 26.34 33.34
N VAL B 93 22.74 25.14 33.91
CA VAL B 93 22.56 24.98 35.36
C VAL B 93 23.84 24.43 35.97
N TYR B 94 24.47 25.23 36.82
CA TYR B 94 25.72 24.88 37.47
C TYR B 94 25.51 23.96 38.66
N TRP B 95 26.43 23.02 38.85
CA TRP B 95 26.38 22.10 39.98
C TRP B 95 26.82 22.79 41.27
N ASP B 96 25.91 22.80 42.25
CA ASP B 96 26.22 23.30 43.58
C ASP B 96 26.07 22.15 44.58
N ARG B 97 27.20 21.76 45.18
CA ARG B 97 27.23 20.63 46.11
C ARG B 97 26.38 20.87 47.36
N ASP B 98 26.26 22.13 47.76
CA ASP B 98 25.46 22.53 48.91
C ASP B 98 23.97 22.53 48.58
N MET B 99 23.65 22.68 47.30
CA MET B 99 22.26 22.75 46.83
C MET B 99 21.85 21.44 46.15
N THR C 3 9.18 -5.34 -8.64
CA THR C 3 8.40 -6.58 -8.89
C THR C 3 8.45 -7.53 -7.68
N GLN C 4 7.55 -7.30 -6.73
CA GLN C 4 7.43 -8.13 -5.54
C GLN C 4 6.41 -9.25 -5.73
N VAL C 5 5.68 -9.19 -6.85
CA VAL C 5 4.69 -10.21 -7.19
C VAL C 5 5.04 -10.85 -8.53
N GLU C 6 5.35 -12.15 -8.49
CA GLU C 6 5.74 -12.89 -9.68
C GLU C 6 4.74 -14.00 -10.00
N GLN C 7 4.39 -14.12 -11.28
CA GLN C 7 3.41 -15.12 -11.73
C GLN C 7 4.02 -16.15 -12.67
N SER C 8 3.56 -17.39 -12.52
CA SER C 8 4.00 -18.50 -13.37
C SER C 8 2.80 -19.39 -13.68
N PRO C 9 2.68 -19.86 -14.94
CA PRO C 9 3.56 -19.62 -16.08
C PRO C 9 3.34 -18.24 -16.70
N GLN C 10 4.21 -17.86 -17.64
CA GLN C 10 4.07 -16.60 -18.36
C GLN C 10 2.87 -16.69 -19.32
N SER C 11 2.89 -17.69 -20.19
CA SER C 11 1.77 -17.98 -21.08
C SER C 11 1.42 -19.47 -21.05
N LEU C 12 0.20 -19.79 -21.47
CA LEU C 12 -0.36 -21.12 -21.28
C LEU C 12 -1.34 -21.48 -22.40
N VAL C 13 -1.13 -22.65 -23.01
CA VAL C 13 -2.02 -23.14 -24.06
C VAL C 13 -2.65 -24.47 -23.64
N VAL C 14 -3.97 -24.48 -23.55
CA VAL C 14 -4.73 -25.62 -23.02
C VAL C 14 -5.93 -25.93 -23.91
N ARG C 15 -6.29 -27.21 -24.00
CA ARG C 15 -7.47 -27.63 -24.75
C ARG C 15 -8.74 -27.54 -23.92
N GLN C 16 -9.87 -27.31 -24.59
CA GLN C 16 -11.18 -27.18 -23.94
C GLN C 16 -11.51 -28.41 -23.09
N GLY C 17 -11.95 -28.16 -21.86
CA GLY C 17 -12.33 -29.24 -20.94
C GLY C 17 -11.24 -29.60 -19.94
N GLU C 18 -9.99 -29.30 -20.29
CA GLU C 18 -8.84 -29.63 -19.45
C GLU C 18 -8.71 -28.63 -18.29
N ASN C 19 -8.15 -29.10 -17.18
CA ASN C 19 -7.91 -28.26 -16.01
C ASN C 19 -6.52 -27.64 -16.03
N CYS C 20 -6.38 -26.45 -15.44
CA CYS C 20 -5.09 -25.79 -15.33
C CYS C 20 -4.91 -25.07 -14.01
N VAL C 21 -3.66 -25.00 -13.55
CA VAL C 21 -3.30 -24.30 -12.31
C VAL C 21 -2.42 -23.09 -12.66
N LEU C 22 -2.67 -21.98 -11.97
CA LEU C 22 -1.92 -20.74 -12.18
C LEU C 22 -1.27 -20.26 -10.88
N GLN C 23 0.06 -20.19 -10.87
CA GLN C 23 0.82 -19.88 -9.65
C GLN C 23 1.03 -18.37 -9.46
N CYS C 24 1.06 -17.95 -8.20
CA CYS C 24 1.45 -16.59 -7.82
C CYS C 24 2.36 -16.63 -6.60
N ASN C 25 3.53 -16.01 -6.72
CA ASN C 25 4.48 -15.92 -5.62
C ASN C 25 4.86 -14.47 -5.34
N TYR C 26 4.86 -14.10 -4.06
CA TYR C 26 5.10 -12.71 -3.68
C TYR C 26 6.05 -12.56 -2.48
N SER C 27 6.61 -11.37 -2.34
CA SER C 27 7.46 -11.02 -1.21
C SER C 27 6.95 -9.75 -0.51
N VAL C 28 5.70 -9.42 -0.78
CA VAL C 28 5.04 -8.23 -0.21
C VAL C 28 4.89 -8.36 1.31
N THR C 29 5.24 -7.30 2.03
CA THR C 29 5.19 -7.28 3.48
C THR C 29 4.57 -5.98 4.00
N PRO C 30 3.46 -6.08 4.77
CA PRO C 30 2.77 -7.32 5.10
C PRO C 30 1.80 -7.74 4.00
N ASP C 31 1.21 -8.91 4.14
CA ASP C 31 0.27 -9.44 3.14
C ASP C 31 -1.14 -9.60 3.70
N ASN C 32 -1.96 -8.56 3.49
CA ASN C 32 -3.33 -8.55 3.99
C ASN C 32 -4.25 -9.47 3.19
N HIS C 33 -4.34 -9.21 1.88
CA HIS C 33 -5.22 -9.99 1.01
C HIS C 33 -4.61 -10.21 -0.36
N LEU C 34 -5.01 -11.31 -1.01
CA LEU C 34 -4.61 -11.61 -2.38
C LEU C 34 -5.84 -11.70 -3.28
N ARG C 35 -5.78 -11.03 -4.42
CA ARG C 35 -6.90 -10.96 -5.36
C ARG C 35 -6.49 -11.44 -6.74
N TRP C 36 -7.38 -12.23 -7.36
CA TRP C 36 -7.17 -12.69 -8.74
C TRP C 36 -8.10 -11.96 -9.69
N PHE C 37 -7.51 -11.32 -10.70
CA PHE C 37 -8.27 -10.60 -11.73
C PHE C 37 -8.31 -11.40 -13.04
N LYS C 38 -9.41 -11.24 -13.78
CA LYS C 38 -9.52 -11.77 -15.12
C LYS C 38 -9.63 -10.59 -16.09
N GLN C 39 -8.81 -10.61 -17.14
CA GLN C 39 -8.81 -9.54 -18.13
C GLN C 39 -8.78 -10.09 -19.56
N ASP C 40 -9.90 -9.92 -20.26
CA ASP C 40 -10.00 -10.27 -21.68
C ASP C 40 -9.16 -9.31 -22.53
N THR C 41 -8.69 -9.81 -23.67
CA THR C 41 -7.91 -8.99 -24.60
C THR C 41 -8.82 -7.80 -24.87
N GLY C 42 -8.38 -6.63 -24.45
CA GLY C 42 -9.15 -5.40 -24.61
C GLY C 42 -9.96 -4.89 -23.44
N LYS C 43 -10.66 -5.80 -22.77
CA LYS C 43 -11.57 -5.47 -21.67
C LYS C 43 -10.85 -5.02 -20.40
N GLY C 44 -11.61 -4.82 -19.32
CA GLY C 44 -11.07 -4.37 -18.05
C GLY C 44 -10.80 -5.49 -17.06
N LEU C 45 -10.67 -5.13 -15.79
CA LEU C 45 -10.30 -6.06 -14.74
C LEU C 45 -11.52 -6.60 -13.99
N VAL C 46 -11.73 -7.91 -14.07
CA VAL C 46 -12.85 -8.58 -13.42
C VAL C 46 -12.36 -9.42 -12.24
N SER C 47 -12.83 -9.07 -11.04
CA SER C 47 -12.44 -9.78 -9.81
C SER C 47 -13.07 -11.16 -9.75
N LEU C 48 -12.22 -12.18 -9.64
CA LEU C 48 -12.67 -13.57 -9.57
C LEU C 48 -12.85 -14.02 -8.13
N THR C 49 -11.83 -13.78 -7.31
CA THR C 49 -11.85 -14.14 -5.89
C THR C 49 -10.90 -13.26 -5.07
N VAL C 50 -11.12 -13.23 -3.76
CA VAL C 50 -10.21 -12.58 -2.83
C VAL C 50 -9.92 -13.49 -1.63
N LEU C 51 -8.63 -13.77 -1.41
CA LEU C 51 -8.18 -14.64 -0.31
C LEU C 51 -7.62 -13.78 0.81
N VAL C 52 -8.07 -14.03 2.04
CA VAL C 52 -7.75 -13.16 3.18
C VAL C 52 -7.06 -13.85 4.36
N ASP C 53 -7.31 -15.14 4.56
CA ASP C 53 -6.79 -15.87 5.72
C ASP C 53 -5.35 -16.38 5.52
N GLN C 54 -4.73 -16.77 6.63
CA GLN C 54 -3.37 -17.33 6.63
C GLN C 54 -3.31 -18.60 5.78
N LYS C 55 -4.28 -19.48 5.97
CA LYS C 55 -4.46 -20.65 5.12
C LYS C 55 -5.90 -20.58 4.57
N ASP C 56 -6.04 -19.98 3.39
CA ASP C 56 -7.36 -19.69 2.84
C ASP C 56 -7.67 -20.50 1.60
N LYS C 57 -8.96 -20.80 1.42
CA LYS C 57 -9.46 -21.52 0.25
C LYS C 57 -10.78 -20.88 -0.20
N THR C 58 -10.88 -20.58 -1.49
CA THR C 58 -12.10 -19.99 -2.05
C THR C 58 -12.53 -20.71 -3.33
N SER C 59 -13.76 -20.46 -3.74
CA SER C 59 -14.31 -21.02 -4.98
C SER C 59 -15.32 -20.07 -5.62
N ASN C 60 -15.35 -20.06 -6.96
CA ASN C 60 -16.29 -19.26 -7.73
C ASN C 60 -16.67 -20.02 -9.00
N GLY C 61 -17.61 -20.95 -8.85
CA GLY C 61 -18.05 -21.79 -9.96
C GLY C 61 -16.96 -22.75 -10.40
N ARG C 62 -16.38 -22.46 -11.57
CA ARG C 62 -15.30 -23.26 -12.12
C ARG C 62 -13.92 -22.82 -11.63
N TYR C 63 -13.86 -21.63 -11.04
CA TYR C 63 -12.63 -21.09 -10.46
C TYR C 63 -12.52 -21.47 -8.98
N SER C 64 -11.32 -21.88 -8.57
CA SER C 64 -11.02 -22.14 -7.16
C SER C 64 -9.59 -21.72 -6.87
N ALA C 65 -9.36 -21.20 -5.67
CA ALA C 65 -8.06 -20.67 -5.30
C ALA C 65 -7.65 -21.02 -3.87
N THR C 66 -6.35 -21.12 -3.64
CA THR C 66 -5.78 -21.33 -2.30
C THR C 66 -4.76 -20.24 -1.98
N LEU C 67 -4.52 -20.01 -0.69
CA LEU C 67 -3.51 -19.06 -0.25
C LEU C 67 -2.73 -19.59 0.94
N ASP C 68 -1.40 -19.54 0.84
CA ASP C 68 -0.51 -19.89 1.95
C ASP C 68 0.38 -18.69 2.26
N LYS C 69 0.08 -18.01 3.36
CA LYS C 69 0.81 -16.81 3.76
C LYS C 69 2.18 -17.11 4.36
N ASP C 70 2.37 -18.32 4.88
CA ASP C 70 3.66 -18.76 5.40
C ASP C 70 4.65 -18.98 4.26
N ALA C 71 4.15 -19.51 3.14
CA ALA C 71 4.95 -19.73 1.94
C ALA C 71 4.85 -18.55 0.99
N LYS C 72 3.96 -17.61 1.31
CA LYS C 72 3.67 -16.45 0.46
C LYS C 72 3.41 -16.88 -0.98
N HIS C 73 2.40 -17.73 -1.15
CA HIS C 73 2.16 -18.44 -2.40
C HIS C 73 0.67 -18.72 -2.59
N SER C 74 0.18 -18.49 -3.81
CA SER C 74 -1.21 -18.73 -4.15
C SER C 74 -1.38 -19.43 -5.50
N THR C 75 -2.37 -20.30 -5.60
CA THR C 75 -2.68 -21.00 -6.84
C THR C 75 -4.11 -20.69 -7.30
N LEU C 76 -4.30 -20.60 -8.62
CA LEU C 76 -5.64 -20.45 -9.19
C LEU C 76 -5.96 -21.63 -10.10
N HIS C 77 -6.91 -22.45 -9.65
CA HIS C 77 -7.35 -23.62 -10.40
C HIS C 77 -8.58 -23.27 -11.24
N ILE C 78 -8.53 -23.62 -12.52
CA ILE C 78 -9.68 -23.48 -13.40
C ILE C 78 -10.11 -24.88 -13.87
N THR C 79 -11.26 -25.33 -13.37
CA THR C 79 -11.79 -26.64 -13.71
C THR C 79 -12.61 -26.57 -15.00
N ALA C 80 -12.40 -27.54 -15.89
CA ALA C 80 -13.11 -27.63 -17.17
C ALA C 80 -13.11 -26.32 -17.94
N THR C 81 -11.97 -25.99 -18.55
CA THR C 81 -11.78 -24.72 -19.26
C THR C 81 -12.68 -24.60 -20.49
N LEU C 82 -13.29 -23.43 -20.63
CA LEU C 82 -14.08 -23.08 -21.82
C LEU C 82 -13.32 -22.05 -22.65
N LEU C 83 -13.82 -21.78 -23.86
CA LEU C 83 -13.20 -20.82 -24.77
C LEU C 83 -13.06 -19.41 -24.14
N ASP C 84 -14.10 -18.99 -23.43
CA ASP C 84 -14.13 -17.66 -22.80
C ASP C 84 -13.07 -17.44 -21.71
N ASP C 85 -12.39 -18.52 -21.32
CA ASP C 85 -11.28 -18.44 -20.36
C ASP C 85 -10.01 -17.88 -20.98
N THR C 86 -9.99 -17.74 -22.31
CA THR C 86 -8.87 -17.13 -23.02
C THR C 86 -8.83 -15.70 -22.49
N ALA C 87 -7.80 -15.42 -21.71
CA ALA C 87 -7.65 -14.14 -21.02
C ALA C 87 -6.33 -14.09 -20.25
N THR C 88 -5.93 -12.88 -19.85
CA THR C 88 -4.77 -12.70 -18.98
C THR C 88 -5.24 -12.67 -17.54
N TYR C 89 -4.62 -13.50 -16.71
CA TYR C 89 -4.99 -13.59 -15.29
C TYR C 89 -3.93 -12.94 -14.41
N ILE C 90 -4.36 -11.98 -13.60
CA ILE C 90 -3.44 -11.12 -12.83
C ILE C 90 -3.58 -11.33 -11.32
N CYS C 91 -2.44 -11.49 -10.66
CA CYS C 91 -2.36 -11.63 -9.21
C CYS C 91 -2.06 -10.29 -8.56
N VAL C 92 -2.80 -9.96 -7.50
CA VAL C 92 -2.66 -8.68 -6.81
C VAL C 92 -2.63 -8.87 -5.29
N VAL C 93 -1.63 -8.30 -4.64
CA VAL C 93 -1.49 -8.38 -3.19
C VAL C 93 -1.60 -6.98 -2.56
N GLY C 94 -2.51 -6.83 -1.62
CA GLY C 94 -2.67 -5.59 -0.86
C GLY C 94 -1.96 -5.67 0.48
N ASP C 95 -1.24 -4.61 0.83
CA ASP C 95 -0.41 -4.61 2.05
C ASP C 95 -1.09 -4.06 3.31
N ARG C 96 -2.34 -3.59 3.18
CA ARG C 96 -3.13 -3.16 4.33
C ARG C 96 -4.57 -3.65 4.24
N GLY C 97 -5.27 -3.61 5.38
CA GLY C 97 -6.70 -3.94 5.42
C GLY C 97 -7.59 -2.72 5.27
N SER C 98 -7.01 -1.63 4.77
CA SER C 98 -7.73 -0.37 4.60
C SER C 98 -7.23 0.41 3.38
N ALA C 99 -7.69 1.64 3.23
CA ALA C 99 -7.32 2.52 2.13
C ALA C 99 -5.87 2.99 2.18
N LEU C 100 -5.21 2.76 3.32
CA LEU C 100 -3.80 3.09 3.51
C LEU C 100 -2.90 2.14 2.72
N GLY C 101 -3.51 1.15 2.09
CA GLY C 101 -2.79 0.10 1.37
C GLY C 101 -2.35 0.45 -0.03
N ARG C 102 -1.30 -0.23 -0.48
CA ARG C 102 -0.84 -0.17 -1.85
C ARG C 102 -1.03 -1.53 -2.49
N LEU C 103 -1.58 -1.54 -3.69
CA LEU C 103 -1.80 -2.79 -4.43
C LEU C 103 -0.56 -3.14 -5.26
N HIS C 104 -0.09 -4.37 -5.10
CA HIS C 104 1.10 -4.85 -5.80
C HIS C 104 0.70 -5.83 -6.90
N PHE C 105 0.89 -5.42 -8.15
CA PHE C 105 0.39 -6.16 -9.30
C PHE C 105 1.43 -7.09 -9.91
N GLY C 106 0.98 -8.27 -10.34
CA GLY C 106 1.81 -9.18 -11.11
C GLY C 106 1.68 -8.90 -12.59
N ALA C 107 2.67 -9.35 -13.37
CA ALA C 107 2.68 -9.13 -14.82
C ALA C 107 1.54 -9.86 -15.53
N GLY C 108 1.06 -10.93 -14.93
CA GLY C 108 -0.07 -11.70 -15.46
C GLY C 108 0.30 -13.03 -16.05
N THR C 109 -0.70 -13.90 -16.21
CA THR C 109 -0.55 -15.18 -16.88
C THR C 109 -1.51 -15.24 -18.06
N GLN C 110 -0.96 -15.35 -19.26
CA GLN C 110 -1.76 -15.36 -20.48
C GLN C 110 -2.25 -16.77 -20.80
N LEU C 111 -3.57 -16.97 -20.72
CA LEU C 111 -4.16 -18.27 -21.03
C LEU C 111 -4.85 -18.28 -22.39
N ILE C 112 -4.55 -19.30 -23.19
CA ILE C 112 -5.22 -19.53 -24.45
C ILE C 112 -5.90 -20.91 -24.41
N VAL C 113 -7.21 -20.93 -24.62
CA VAL C 113 -7.98 -22.17 -24.63
C VAL C 113 -8.37 -22.53 -26.06
N ILE C 114 -7.91 -23.69 -26.52
CA ILE C 114 -8.25 -24.20 -27.84
C ILE C 114 -9.63 -24.87 -27.81
N PRO C 115 -10.57 -24.36 -28.61
CA PRO C 115 -11.94 -24.87 -28.65
C PRO C 115 -12.05 -26.23 -29.34
N ASP C 116 -12.97 -27.06 -28.84
CA ASP C 116 -13.18 -28.40 -29.40
C ASP C 116 -14.24 -28.36 -30.51
N ILE C 117 -13.80 -28.63 -31.73
CA ILE C 117 -14.70 -28.70 -32.89
C ILE C 117 -15.22 -30.13 -33.03
N GLN C 118 -16.53 -30.28 -32.82
CA GLN C 118 -17.16 -31.61 -32.82
C GLN C 118 -17.44 -32.12 -34.22
N ASN C 119 -18.05 -31.29 -35.06
CA ASN C 119 -18.38 -31.66 -36.43
C ASN C 119 -17.71 -30.73 -37.46
N PRO C 120 -16.52 -31.12 -37.93
CA PRO C 120 -15.79 -30.33 -38.92
C PRO C 120 -16.37 -30.48 -40.32
N ASP C 121 -16.51 -29.36 -41.02
CA ASP C 121 -17.04 -29.34 -42.38
C ASP C 121 -16.28 -28.30 -43.22
N PRO C 122 -14.97 -28.54 -43.45
CA PRO C 122 -14.09 -27.54 -44.06
C PRO C 122 -14.50 -27.15 -45.49
N ALA C 123 -14.56 -25.84 -45.74
CA ALA C 123 -14.97 -25.31 -47.04
C ALA C 123 -14.43 -23.91 -47.29
N VAL C 124 -14.29 -23.56 -48.57
CA VAL C 124 -13.91 -22.20 -48.98
C VAL C 124 -15.06 -21.59 -49.80
N TYR C 125 -15.68 -20.55 -49.25
CA TYR C 125 -16.81 -19.89 -49.90
C TYR C 125 -16.42 -18.53 -50.46
N GLN C 126 -17.10 -18.13 -51.53
CA GLN C 126 -16.90 -16.81 -52.12
C GLN C 126 -18.04 -15.86 -51.75
N LEU C 127 -17.68 -14.78 -51.06
CA LEU C 127 -18.61 -13.76 -50.61
C LEU C 127 -18.41 -12.46 -51.37
N ARG C 128 -19.50 -11.86 -51.83
CA ARG C 128 -19.43 -10.64 -52.64
C ARG C 128 -19.87 -9.39 -51.88
N ASP C 129 -19.28 -8.25 -52.23
CA ASP C 129 -19.58 -6.97 -51.61
C ASP C 129 -21.04 -6.57 -51.86
N SER C 130 -21.66 -6.00 -50.83
CA SER C 130 -23.07 -5.62 -50.87
C SER C 130 -23.37 -4.51 -51.86
N LYS C 131 -22.40 -3.61 -52.07
CA LYS C 131 -22.56 -2.48 -52.98
C LYS C 131 -21.90 -2.75 -54.34
N SER C 132 -20.62 -3.08 -54.32
CA SER C 132 -19.87 -3.37 -55.55
C SER C 132 -19.81 -4.88 -55.79
N SER C 133 -20.58 -5.35 -56.76
CA SER C 133 -20.72 -6.78 -57.06
C SER C 133 -19.41 -7.46 -57.47
N ASP C 134 -18.51 -6.71 -58.09
CA ASP C 134 -17.23 -7.24 -58.58
C ASP C 134 -16.22 -7.56 -57.46
N LYS C 135 -16.20 -6.73 -56.42
CA LYS C 135 -15.31 -6.92 -55.28
C LYS C 135 -15.76 -8.10 -54.42
N SER C 136 -14.81 -8.96 -54.03
CA SER C 136 -15.14 -10.18 -53.29
C SER C 136 -14.04 -10.63 -52.32
N VAL C 137 -14.44 -11.40 -51.30
CA VAL C 137 -13.52 -12.05 -50.37
C VAL C 137 -13.75 -13.56 -50.39
N CYS C 138 -12.81 -14.32 -49.82
CA CYS C 138 -12.99 -15.76 -49.70
C CYS C 138 -12.73 -16.31 -48.29
N LEU C 139 -13.69 -17.10 -47.82
CA LEU C 139 -13.76 -17.53 -46.43
C LEU C 139 -13.51 -19.02 -46.26
N PHE C 140 -12.38 -19.35 -45.64
CA PHE C 140 -12.06 -20.73 -45.25
C PHE C 140 -12.62 -20.95 -43.85
N THR C 141 -13.61 -21.83 -43.74
CA THR C 141 -14.35 -22.00 -42.49
C THR C 141 -14.67 -23.46 -42.14
N ASP C 142 -15.14 -23.67 -40.90
CA ASP C 142 -15.59 -24.96 -40.38
C ASP C 142 -14.53 -26.05 -40.40
N PHE C 143 -13.27 -25.65 -40.17
CA PHE C 143 -12.17 -26.59 -40.06
C PHE C 143 -11.78 -26.79 -38.60
N ASP C 144 -11.23 -27.97 -38.29
CA ASP C 144 -10.79 -28.29 -36.93
C ASP C 144 -9.56 -27.50 -36.52
N SER C 145 -9.34 -27.39 -35.22
CA SER C 145 -8.25 -26.58 -34.65
C SER C 145 -6.86 -27.12 -34.94
N GLN C 146 -6.79 -28.35 -35.42
CA GLN C 146 -5.51 -28.98 -35.80
C GLN C 146 -4.99 -28.44 -37.14
N THR C 147 -5.79 -27.59 -37.79
CA THR C 147 -5.40 -26.97 -39.05
C THR C 147 -4.95 -25.53 -38.82
N ASN C 148 -3.74 -25.21 -39.28
CA ASN C 148 -3.18 -23.87 -39.16
C ASN C 148 -3.33 -23.07 -40.45
N VAL C 149 -3.62 -21.77 -40.30
CA VAL C 149 -3.77 -20.88 -41.45
C VAL C 149 -2.49 -20.07 -41.64
N SER C 150 -1.73 -20.41 -42.68
CA SER C 150 -0.48 -19.72 -42.99
C SER C 150 -0.74 -18.39 -43.68
N GLN C 151 0.07 -17.38 -43.32
CA GLN C 151 -0.02 -16.05 -43.92
C GLN C 151 0.37 -16.06 -45.40
N SER C 152 -0.06 -15.03 -46.13
CA SER C 152 0.11 -14.95 -47.57
C SER C 152 1.57 -14.91 -48.03
N LYS C 153 1.85 -15.60 -49.14
CA LYS C 153 3.16 -15.61 -49.77
C LYS C 153 3.24 -14.54 -50.87
N ASP C 154 2.30 -13.60 -50.83
CA ASP C 154 2.25 -12.50 -51.80
C ASP C 154 1.88 -11.21 -51.07
N SER C 155 2.50 -10.11 -51.48
CA SER C 155 2.27 -8.80 -50.86
C SER C 155 0.90 -8.22 -51.21
N ASP C 156 0.40 -8.55 -52.40
CA ASP C 156 -0.89 -8.04 -52.88
C ASP C 156 -2.07 -8.88 -52.38
N VAL C 157 -1.79 -10.07 -51.85
CA VAL C 157 -2.81 -10.94 -51.28
C VAL C 157 -2.77 -10.83 -49.75
N TYR C 158 -3.95 -10.80 -49.12
CA TYR C 158 -4.05 -10.63 -47.68
C TYR C 158 -4.86 -11.76 -47.04
N ILE C 159 -4.20 -12.51 -46.15
CA ILE C 159 -4.84 -13.63 -45.44
C ILE C 159 -4.80 -13.38 -43.94
N THR C 160 -5.98 -13.44 -43.31
CA THR C 160 -6.10 -13.26 -41.86
C THR C 160 -5.85 -14.57 -41.12
N ASP C 161 -5.46 -14.46 -39.84
CA ASP C 161 -5.28 -15.63 -38.99
C ASP C 161 -6.62 -16.23 -38.60
N LYS C 162 -6.61 -17.51 -38.22
CA LYS C 162 -7.83 -18.21 -37.81
C LYS C 162 -8.52 -17.56 -36.61
N CYS C 163 -9.84 -17.53 -36.65
CA CYS C 163 -10.64 -16.90 -35.60
C CYS C 163 -11.91 -17.72 -35.36
N VAL C 164 -12.21 -17.98 -34.09
CA VAL C 164 -13.35 -18.81 -33.71
C VAL C 164 -14.54 -17.98 -33.19
N LEU C 165 -15.70 -18.19 -33.80
CA LEU C 165 -16.94 -17.55 -33.36
C LEU C 165 -17.82 -18.55 -32.60
N ASP C 166 -18.66 -18.05 -31.69
CA ASP C 166 -19.53 -18.90 -30.90
C ASP C 166 -20.99 -18.46 -30.99
N MET C 167 -21.81 -19.34 -31.57
CA MET C 167 -23.25 -19.13 -31.62
C MET C 167 -23.88 -19.77 -30.38
N ARG C 168 -24.10 -18.95 -29.36
CA ARG C 168 -24.51 -19.42 -28.03
C ARG C 168 -25.84 -20.17 -27.99
N SER C 169 -26.81 -19.71 -28.77
CA SER C 169 -28.16 -20.31 -28.79
C SER C 169 -28.20 -21.69 -29.43
N MET C 170 -27.19 -22.01 -30.24
CA MET C 170 -27.12 -23.29 -30.94
C MET C 170 -26.04 -24.22 -30.38
N ASP C 171 -25.23 -23.71 -29.45
CA ASP C 171 -24.07 -24.42 -28.90
C ASP C 171 -23.13 -24.87 -30.04
N PHE C 172 -22.79 -23.91 -30.90
CA PHE C 172 -22.01 -24.18 -32.10
C PHE C 172 -20.79 -23.26 -32.20
N LYS C 173 -19.64 -23.85 -32.47
CA LYS C 173 -18.39 -23.11 -32.63
C LYS C 173 -17.73 -23.46 -33.96
N SER C 174 -17.15 -22.45 -34.61
CA SER C 174 -16.50 -22.64 -35.91
C SER C 174 -15.29 -21.73 -36.10
N ASN C 175 -14.20 -22.32 -36.58
CA ASN C 175 -13.02 -21.57 -36.99
C ASN C 175 -13.24 -20.96 -38.38
N SER C 176 -12.64 -19.79 -38.60
CA SER C 176 -12.78 -19.09 -39.88
C SER C 176 -11.56 -18.21 -40.20
N ALA C 177 -11.26 -18.09 -41.49
CA ALA C 177 -10.19 -17.23 -41.97
C ALA C 177 -10.59 -16.56 -43.28
N VAL C 178 -10.20 -15.29 -43.43
CA VAL C 178 -10.58 -14.49 -44.59
C VAL C 178 -9.37 -14.19 -45.48
N ALA C 179 -9.57 -14.31 -46.80
CA ALA C 179 -8.54 -13.99 -47.79
C ALA C 179 -9.11 -13.16 -48.93
N TRP C 180 -8.35 -12.16 -49.36
CA TRP C 180 -8.74 -11.28 -50.47
C TRP C 180 -7.53 -10.66 -51.17
N SER C 181 -7.75 -10.20 -52.39
CA SER C 181 -6.72 -9.52 -53.18
C SER C 181 -7.36 -8.69 -54.31
N ASN C 182 -6.79 -7.51 -54.55
CA ASN C 182 -7.26 -6.63 -55.62
C ASN C 182 -6.81 -7.11 -57.01
N LYS C 183 -5.67 -7.78 -57.06
CA LYS C 183 -5.12 -8.31 -58.31
C LYS C 183 -5.78 -9.63 -58.68
N ASP C 185 -7.76 -11.27 -61.64
CA ASP C 185 -7.80 -12.71 -61.83
C ASP C 185 -7.36 -13.48 -60.57
N PHE C 186 -7.97 -13.14 -59.45
CA PHE C 186 -7.66 -13.78 -58.16
C PHE C 186 -8.62 -14.92 -57.87
N ALA C 187 -8.07 -16.14 -57.85
CA ALA C 187 -8.87 -17.35 -57.60
C ALA C 187 -8.95 -17.67 -56.11
N CYS C 188 -9.96 -18.45 -55.74
CA CYS C 188 -10.18 -18.84 -54.36
C CYS C 188 -9.71 -20.25 -54.04
N ALA C 189 -9.60 -21.08 -55.08
CA ALA C 189 -8.96 -22.38 -54.98
C ALA C 189 -7.45 -22.19 -54.91
N ASN C 190 -6.99 -21.02 -55.34
CA ASN C 190 -5.57 -20.64 -55.29
C ASN C 190 -5.27 -19.68 -54.14
N ALA C 191 -6.28 -19.42 -53.30
CA ALA C 191 -6.14 -18.49 -52.19
C ALA C 191 -5.40 -19.08 -50.99
N PHE C 192 -5.68 -20.34 -50.69
CA PHE C 192 -5.07 -21.02 -49.54
C PHE C 192 -4.10 -22.12 -49.98
N ASN C 193 -3.26 -21.80 -50.96
CA ASN C 193 -2.26 -22.74 -51.47
C ASN C 193 -1.09 -22.94 -50.50
N ASN C 194 -0.73 -21.87 -49.79
CA ASN C 194 0.39 -21.89 -48.86
C ASN C 194 0.08 -22.68 -47.58
N SER C 195 -1.18 -22.60 -47.15
CA SER C 195 -1.64 -23.33 -45.97
C SER C 195 -1.90 -24.80 -46.30
N ILE C 196 -1.54 -25.69 -45.37
CA ILE C 196 -1.87 -27.11 -45.51
C ILE C 196 -3.28 -27.39 -45.00
N ILE C 197 -4.19 -27.65 -45.94
CA ILE C 197 -5.61 -27.84 -45.63
C ILE C 197 -6.04 -29.30 -45.84
N PRO C 198 -7.14 -29.73 -45.17
CA PRO C 198 -7.66 -31.09 -45.33
C PRO C 198 -8.02 -31.43 -46.78
N GLU C 199 -7.96 -32.71 -47.12
CA GLU C 199 -8.26 -33.19 -48.47
C GLU C 199 -9.75 -33.10 -48.80
N ASP C 200 -10.59 -33.24 -47.78
CA ASP C 200 -12.05 -33.23 -47.95
C ASP C 200 -12.65 -31.82 -47.85
N THR C 201 -11.86 -30.81 -48.18
CA THR C 201 -12.32 -29.41 -48.18
C THR C 201 -13.23 -29.15 -49.37
N PHE C 202 -14.40 -28.56 -49.10
CA PHE C 202 -15.41 -28.31 -50.11
C PHE C 202 -15.13 -27.05 -50.92
N PHE C 203 -15.11 -27.20 -52.25
CA PHE C 203 -14.90 -26.08 -53.16
C PHE C 203 -16.07 -26.01 -54.16
N PRO C 204 -17.02 -25.09 -53.90
CA PRO C 204 -18.16 -24.90 -54.81
C PRO C 204 -17.79 -24.14 -56.08
N SER C 205 -18.44 -24.47 -57.19
CA SER C 205 -18.18 -23.82 -58.47
C SER C 205 -19.47 -23.28 -59.09
N ALA D 3 -21.03 -0.18 -7.06
CA ALA D 3 -20.03 0.90 -7.27
C ALA D 3 -19.47 0.86 -8.70
N ALA D 4 -19.77 1.91 -9.47
CA ALA D 4 -19.36 1.98 -10.87
C ALA D 4 -18.43 3.16 -11.14
N VAL D 5 -17.41 2.92 -11.97
CA VAL D 5 -16.42 3.93 -12.32
C VAL D 5 -16.35 4.08 -13.86
N THR D 6 -16.35 5.32 -14.33
CA THR D 6 -16.27 5.61 -15.77
C THR D 6 -15.01 6.38 -16.14
N GLN D 7 -14.61 6.25 -17.40
CA GLN D 7 -13.42 6.94 -17.92
C GLN D 7 -13.70 7.58 -19.29
N SER D 8 -13.18 8.78 -19.49
CA SER D 8 -13.29 9.47 -20.79
C SER D 8 -11.98 10.19 -21.14
N PRO D 9 -11.51 10.02 -22.39
CA PRO D 9 -12.08 9.15 -23.41
C PRO D 9 -11.69 7.69 -23.18
N ARG D 10 -12.26 6.78 -23.97
CA ARG D 10 -11.93 5.36 -23.88
C ARG D 10 -10.74 5.02 -24.76
N ASN D 11 -10.54 5.82 -25.82
CA ASN D 11 -9.44 5.63 -26.75
C ASN D 11 -9.02 6.98 -27.35
N LYS D 12 -7.72 7.24 -27.34
CA LYS D 12 -7.19 8.52 -27.79
C LYS D 12 -5.90 8.35 -28.61
N VAL D 13 -5.86 9.00 -29.77
CA VAL D 13 -4.66 9.07 -30.59
C VAL D 13 -4.15 10.51 -30.57
N ALA D 14 -2.93 10.69 -30.08
CA ALA D 14 -2.36 12.03 -29.88
C ALA D 14 -0.97 12.18 -30.51
N VAL D 15 -0.51 13.43 -30.57
CA VAL D 15 0.82 13.75 -31.11
C VAL D 15 1.79 14.13 -29.98
N THR D 16 3.08 13.97 -30.24
CA THR D 16 4.13 14.36 -29.29
C THR D 16 4.13 15.87 -29.07
N GLY D 17 4.08 16.27 -27.80
CA GLY D 17 4.06 17.68 -27.42
C GLY D 17 2.66 18.22 -27.14
N GLY D 18 1.65 17.48 -27.57
CA GLY D 18 0.25 17.87 -27.38
C GLY D 18 -0.25 17.64 -25.96
N LYS D 19 -1.33 18.33 -25.61
CA LYS D 19 -1.94 18.20 -24.29
C LYS D 19 -2.99 17.09 -24.31
N VAL D 20 -2.84 16.14 -23.41
CA VAL D 20 -3.79 15.02 -23.28
C VAL D 20 -4.38 15.02 -21.88
N THR D 21 -5.71 15.00 -21.82
CA THR D 21 -6.41 14.98 -20.54
C THR D 21 -7.26 13.71 -20.43
N LEU D 22 -6.89 12.85 -19.48
CA LEU D 22 -7.63 11.63 -19.22
C LEU D 22 -8.49 11.79 -17.98
N SER D 23 -9.80 11.79 -18.17
CA SER D 23 -10.76 12.05 -17.08
C SER D 23 -11.36 10.77 -16.51
N CYS D 24 -11.84 10.86 -15.27
CA CYS D 24 -12.44 9.73 -14.57
C CYS D 24 -13.55 10.18 -13.64
N ASN D 25 -14.74 9.62 -13.84
CA ASN D 25 -15.91 9.97 -13.02
C ASN D 25 -16.36 8.83 -12.11
N GLN D 26 -16.75 9.19 -10.89
CA GLN D 26 -17.20 8.24 -9.88
C GLN D 26 -18.29 8.88 -9.01
N THR D 27 -19.46 8.24 -9.00
CA THR D 27 -20.61 8.77 -8.26
C THR D 27 -20.94 7.96 -7.00
N ASN D 28 -19.92 7.33 -6.44
CA ASN D 28 -20.08 6.46 -5.27
C ASN D 28 -19.77 7.16 -3.95
N ASN D 29 -19.47 8.45 -4.03
CA ASN D 29 -19.06 9.28 -2.88
C ASN D 29 -17.77 8.79 -2.21
N HIS D 30 -16.90 8.16 -3.01
CA HIS D 30 -15.62 7.68 -2.54
C HIS D 30 -14.63 8.82 -2.41
N ASN D 31 -13.98 8.91 -1.24
CA ASN D 31 -12.99 9.94 -0.96
C ASN D 31 -11.71 9.77 -1.79
N ASN D 32 -11.37 8.53 -2.07
CA ASN D 32 -10.06 8.19 -2.64
C ASN D 32 -10.13 7.71 -4.08
N MET D 33 -9.26 8.28 -4.93
CA MET D 33 -9.18 7.88 -6.34
C MET D 33 -7.74 7.67 -6.78
N TYR D 34 -7.55 6.77 -7.75
CA TYR D 34 -6.22 6.30 -8.14
C TYR D 34 -6.06 6.21 -9.66
N TRP D 35 -4.85 6.51 -10.14
CA TRP D 35 -4.52 6.36 -11.56
C TRP D 35 -3.38 5.35 -11.76
N TYR D 36 -3.63 4.38 -12.63
CA TYR D 36 -2.64 3.37 -12.98
C TYR D 36 -2.37 3.37 -14.49
N ARG D 37 -1.26 2.76 -14.90
CA ARG D 37 -1.01 2.44 -16.31
C ARG D 37 -0.53 1.01 -16.47
N GLN D 38 -1.01 0.34 -17.51
CA GLN D 38 -0.68 -1.05 -17.78
C GLN D 38 0.16 -1.20 -19.04
N ASP D 39 1.34 -1.80 -18.87
CA ASP D 39 2.27 -2.04 -19.98
C ASP D 39 2.67 -3.51 -20.01
N THR D 40 2.80 -4.07 -21.21
CA THR D 40 3.16 -5.46 -21.40
C THR D 40 4.51 -5.79 -20.74
N GLY D 41 4.52 -6.84 -19.93
CA GLY D 41 5.70 -7.23 -19.17
C GLY D 41 5.75 -6.62 -17.77
N HIS D 42 4.75 -5.79 -17.47
CA HIS D 42 4.63 -5.15 -16.16
C HIS D 42 3.21 -5.29 -15.62
N GLY D 43 3.08 -5.25 -14.30
CA GLY D 43 1.77 -5.11 -13.66
C GLY D 43 1.34 -3.65 -13.71
N LEU D 44 0.15 -3.37 -13.16
CA LEU D 44 -0.34 -2.00 -13.07
C LEU D 44 0.53 -1.20 -12.10
N ARG D 45 0.96 -0.02 -12.56
CA ARG D 45 1.82 0.84 -11.75
C ARG D 45 1.14 2.17 -11.43
N LEU D 46 1.20 2.56 -10.15
CA LEU D 46 0.55 3.77 -9.66
C LEU D 46 1.26 5.03 -10.16
N ILE D 47 0.50 5.90 -10.80
CA ILE D 47 1.03 7.17 -11.31
C ILE D 47 0.76 8.29 -10.31
N HIS D 48 -0.52 8.53 -10.06
CA HIS D 48 -0.97 9.56 -9.11
C HIS D 48 -2.19 9.06 -8.36
N TYR D 49 -2.45 9.65 -7.19
CA TYR D 49 -3.65 9.34 -6.43
C TYR D 49 -4.13 10.54 -5.59
N SER D 50 -5.34 10.42 -5.05
CA SER D 50 -5.95 11.51 -4.29
C SER D 50 -6.77 10.99 -3.12
N TYR D 51 -6.74 11.73 -2.01
CA TYR D 51 -7.52 11.40 -0.82
C TYR D 51 -8.76 12.29 -0.66
N GLY D 52 -8.83 13.34 -1.47
CA GLY D 52 -9.96 14.27 -1.44
C GLY D 52 -9.85 15.38 -2.46
N ALA D 53 -10.86 16.24 -2.51
CA ALA D 53 -10.89 17.37 -3.43
C ALA D 53 -9.79 18.38 -3.14
N GLY D 54 -9.15 18.87 -4.20
CA GLY D 54 -8.06 19.83 -4.08
C GLY D 54 -6.74 19.23 -3.63
N SER D 55 -6.70 17.91 -3.53
CA SER D 55 -5.51 17.19 -3.10
C SER D 55 -5.08 16.17 -4.15
N THR D 56 -3.78 16.16 -4.44
CA THR D 56 -3.19 15.20 -5.38
C THR D 56 -1.84 14.71 -4.85
N GLU D 57 -1.59 13.41 -4.98
CA GLU D 57 -0.37 12.80 -4.44
C GLU D 57 0.40 12.00 -5.49
N LYS D 58 1.73 12.12 -5.44
CA LYS D 58 2.62 11.37 -6.32
C LYS D 58 2.58 9.89 -5.99
N GLY D 59 2.54 9.06 -7.04
CA GLY D 59 2.58 7.60 -6.88
C GLY D 59 3.99 7.07 -7.07
N ASP D 60 4.09 5.91 -7.73
CA ASP D 60 5.38 5.28 -7.98
C ASP D 60 6.09 5.83 -9.21
N ILE D 61 5.31 6.14 -10.25
CA ILE D 61 5.85 6.73 -11.48
C ILE D 61 5.10 8.01 -11.90
N PRO D 62 5.35 9.12 -11.18
CA PRO D 62 4.61 10.36 -11.44
C PRO D 62 5.17 11.22 -12.56
N ASP D 63 6.43 11.00 -12.93
CA ASP D 63 7.13 11.80 -13.93
C ASP D 63 6.40 11.86 -15.27
N GLY D 64 6.19 13.08 -15.77
CA GLY D 64 5.53 13.30 -17.04
C GLY D 64 4.01 13.42 -16.93
N TYR D 65 3.51 13.29 -15.71
CA TYR D 65 2.07 13.35 -15.44
C TYR D 65 1.75 14.38 -14.36
N LYS D 66 0.62 15.06 -14.53
CA LYS D 66 0.08 15.96 -13.52
C LYS D 66 -1.36 15.54 -13.20
N ALA D 67 -1.67 15.47 -11.90
CA ALA D 67 -3.01 15.08 -11.47
C ALA D 67 -3.84 16.28 -11.03
N SER D 68 -5.16 16.19 -11.25
CA SER D 68 -6.09 17.25 -10.88
C SER D 68 -7.37 16.66 -10.31
N ARG D 69 -7.78 17.14 -9.14
CA ARG D 69 -9.05 16.73 -8.55
C ARG D 69 -9.86 17.95 -8.09
N PRO D 70 -10.70 18.50 -8.99
CA PRO D 70 -11.51 19.67 -8.69
C PRO D 70 -12.72 19.35 -7.81
N SER D 71 -13.16 18.09 -7.81
CA SER D 71 -14.34 17.67 -7.07
C SER D 71 -14.19 16.23 -6.56
N GLN D 72 -15.09 15.84 -5.66
CA GLN D 72 -15.13 14.48 -5.13
C GLN D 72 -15.35 13.44 -6.22
N GLU D 73 -16.15 13.80 -7.22
CA GLU D 73 -16.55 12.88 -8.30
C GLU D 73 -15.54 12.73 -9.44
N ASN D 74 -14.78 13.80 -9.72
CA ASN D 74 -13.83 13.78 -10.84
C ASN D 74 -12.36 13.73 -10.43
N PHE D 75 -11.59 12.88 -11.11
CA PHE D 75 -10.14 12.81 -10.95
C PHE D 75 -9.48 12.73 -12.33
N SER D 76 -8.63 13.70 -12.62
CA SER D 76 -8.10 13.88 -13.97
C SER D 76 -6.58 13.69 -14.05
N LEU D 77 -6.14 12.90 -15.02
CA LEU D 77 -4.71 12.72 -15.31
C LEU D 77 -4.34 13.55 -16.53
N ILE D 78 -3.44 14.51 -16.33
CA ILE D 78 -3.08 15.47 -17.39
C ILE D 78 -1.66 15.22 -17.90
N LEU D 79 -1.54 15.17 -19.23
CA LEU D 79 -0.25 15.06 -19.90
C LEU D 79 0.01 16.34 -20.68
N GLU D 80 0.79 17.25 -20.09
CA GLU D 80 1.06 18.56 -20.69
C GLU D 80 1.91 18.46 -21.94
N LEU D 81 2.98 17.67 -21.88
CA LEU D 81 3.83 17.39 -23.02
C LEU D 81 3.87 15.89 -23.26
N ALA D 82 3.00 15.43 -24.15
CA ALA D 82 2.85 14.00 -24.45
C ALA D 82 4.09 13.44 -25.13
N THR D 83 4.47 12.23 -24.72
CA THR D 83 5.61 11.52 -25.29
C THR D 83 5.19 10.12 -25.71
N PRO D 84 5.83 9.56 -26.75
CA PRO D 84 5.55 8.18 -27.20
C PRO D 84 5.68 7.13 -26.10
N SER D 85 6.52 7.40 -25.09
CA SER D 85 6.69 6.51 -23.94
C SER D 85 5.43 6.43 -23.07
N GLN D 86 4.51 7.36 -23.28
CA GLN D 86 3.25 7.40 -22.54
C GLN D 86 2.13 6.66 -23.27
N THR D 87 2.50 5.90 -24.31
CA THR D 87 1.59 4.96 -24.96
C THR D 87 1.35 3.78 -24.02
N SER D 88 0.12 3.71 -23.50
CA SER D 88 -0.25 2.69 -22.52
C SER D 88 -1.77 2.60 -22.39
N VAL D 89 -2.23 1.61 -21.61
CA VAL D 89 -3.63 1.52 -21.21
C VAL D 89 -3.72 2.04 -19.78
N TYR D 90 -4.59 3.03 -19.57
CA TYR D 90 -4.68 3.72 -18.29
C TYR D 90 -5.93 3.34 -17.53
N PHE D 91 -5.75 2.81 -16.32
CA PHE D 91 -6.86 2.41 -15.47
C PHE D 91 -7.05 3.36 -14.29
N CYS D 92 -8.27 3.84 -14.13
CA CYS D 92 -8.66 4.66 -12.99
C CYS D 92 -9.36 3.81 -11.96
N ALA D 93 -9.19 4.14 -10.68
CA ALA D 93 -9.82 3.42 -9.59
C ALA D 93 -10.35 4.35 -8.51
N SER D 94 -11.27 3.83 -7.69
CA SER D 94 -11.79 4.57 -6.54
C SER D 94 -12.10 3.63 -5.37
N GLY D 95 -12.16 4.20 -4.17
CA GLY D 95 -12.46 3.44 -2.96
C GLY D 95 -12.71 4.32 -1.75
N ASP D 96 -13.45 3.78 -0.78
CA ASP D 96 -13.65 4.47 0.51
C ASP D 96 -12.56 3.95 1.46
N GLU D 97 -12.78 4.10 2.77
CA GLU D 97 -11.83 3.64 3.78
C GLU D 97 -11.32 2.19 3.67
N GLY D 98 -12.10 1.33 3.02
CA GLY D 98 -11.73 -0.08 2.84
C GLY D 98 -10.58 -0.28 1.87
N TYR D 99 -10.10 -1.52 1.79
CA TYR D 99 -8.96 -1.85 0.93
C TYR D 99 -9.33 -2.05 -0.54
N THR D 100 -10.63 -2.24 -0.79
CA THR D 100 -11.13 -2.51 -2.14
C THR D 100 -11.03 -1.28 -3.03
N GLN D 101 -10.41 -1.45 -4.19
CA GLN D 101 -10.34 -0.41 -5.21
C GLN D 101 -11.13 -0.86 -6.42
N TYR D 102 -12.16 -0.07 -6.77
CA TYR D 102 -13.06 -0.39 -7.86
C TYR D 102 -12.54 0.24 -9.16
N PHE D 103 -12.21 -0.62 -10.12
CA PHE D 103 -11.51 -0.18 -11.34
C PHE D 103 -12.44 0.22 -12.48
N GLY D 104 -11.99 1.19 -13.26
CA GLY D 104 -12.70 1.64 -14.46
C GLY D 104 -12.38 0.75 -15.64
N PRO D 105 -13.05 0.99 -16.78
CA PRO D 105 -12.94 0.13 -17.97
C PRO D 105 -11.58 0.24 -18.69
N GLY D 106 -10.85 1.33 -18.44
CA GLY D 106 -9.54 1.52 -19.05
C GLY D 106 -9.55 2.43 -20.26
N THR D 107 -8.44 3.16 -20.44
CA THR D 107 -8.30 4.08 -21.55
C THR D 107 -7.04 3.76 -22.37
N ARG D 108 -7.24 3.46 -23.64
CA ARG D 108 -6.13 3.22 -24.56
C ARG D 108 -5.57 4.55 -25.05
N LEU D 109 -4.25 4.69 -24.98
CA LEU D 109 -3.59 5.89 -25.47
C LEU D 109 -2.42 5.53 -26.38
N LEU D 110 -2.35 6.21 -27.53
CA LEU D 110 -1.22 6.10 -28.43
C LEU D 110 -0.70 7.50 -28.77
N VAL D 111 0.57 7.74 -28.50
CA VAL D 111 1.21 9.02 -28.81
C VAL D 111 2.15 8.83 -30.00
N LEU D 112 1.77 9.40 -31.14
CA LEU D 112 2.55 9.30 -32.36
C LEU D 112 3.54 10.45 -32.50
N GLU D 113 4.62 10.21 -33.25
CA GLU D 113 5.61 11.24 -33.54
C GLU D 113 5.03 12.30 -34.49
N ASP D 114 4.30 11.83 -35.50
CA ASP D 114 3.65 12.70 -36.47
C ASP D 114 2.26 12.17 -36.83
N LEU D 115 1.34 13.08 -37.12
CA LEU D 115 -0.03 12.73 -37.49
C LEU D 115 -0.25 12.70 -39.00
N ARG D 116 0.86 12.67 -39.75
CA ARG D 116 0.83 12.75 -41.21
C ARG D 116 0.17 11.55 -41.89
N ASN D 117 0.29 10.38 -41.28
CA ASN D 117 -0.18 9.13 -41.89
C ASN D 117 -1.58 8.71 -41.44
N VAL D 118 -2.20 9.49 -40.58
CA VAL D 118 -3.53 9.18 -40.05
C VAL D 118 -4.58 9.20 -41.17
N THR D 119 -5.34 8.11 -41.27
CA THR D 119 -6.34 7.93 -42.33
C THR D 119 -7.49 7.05 -41.83
N PRO D 120 -8.74 7.48 -42.07
CA PRO D 120 -9.92 6.66 -41.73
C PRO D 120 -10.04 5.43 -42.65
N PRO D 121 -10.72 4.37 -42.17
CA PRO D 121 -10.86 3.15 -42.97
C PRO D 121 -11.98 3.20 -44.01
N LYS D 122 -11.85 2.34 -45.02
CA LYS D 122 -12.94 2.07 -45.96
C LYS D 122 -13.60 0.77 -45.54
N VAL D 123 -14.85 0.84 -45.09
CA VAL D 123 -15.56 -0.32 -44.57
C VAL D 123 -16.45 -0.95 -45.63
N SER D 124 -16.24 -2.25 -45.87
CA SER D 124 -17.05 -3.01 -46.82
C SER D 124 -17.72 -4.20 -46.14
N LEU D 125 -18.95 -4.50 -46.56
CA LEU D 125 -19.68 -5.65 -46.06
C LEU D 125 -19.90 -6.66 -47.18
N PHE D 126 -19.61 -7.92 -46.87
CA PHE D 126 -19.69 -8.99 -47.87
C PHE D 126 -20.81 -9.97 -47.54
N GLU D 127 -21.74 -10.10 -48.50
CA GLU D 127 -22.94 -10.91 -48.32
C GLU D 127 -22.66 -12.41 -48.38
N PRO D 128 -23.33 -13.20 -47.52
CA PRO D 128 -23.17 -14.66 -47.41
C PRO D 128 -23.31 -15.39 -48.74
N SER D 129 -22.52 -16.44 -48.91
CA SER D 129 -22.54 -17.26 -50.11
C SER D 129 -23.79 -18.15 -50.14
N LYS D 130 -24.38 -18.29 -51.34
CA LYS D 130 -25.54 -19.15 -51.54
C LYS D 130 -25.17 -20.62 -51.36
N ALA D 131 -23.91 -20.94 -51.58
CA ALA D 131 -23.37 -22.29 -51.40
C ALA D 131 -23.33 -22.67 -49.92
N GLU D 132 -22.99 -21.72 -49.06
CA GLU D 132 -22.93 -21.94 -47.62
C GLU D 132 -24.31 -22.21 -47.02
N ILE D 133 -25.29 -21.45 -47.49
CA ILE D 133 -26.69 -21.60 -47.05
C ILE D 133 -27.23 -22.99 -47.36
N SER D 134 -26.89 -23.52 -48.53
CA SER D 134 -27.36 -24.84 -48.97
C SER D 134 -26.56 -25.99 -48.36
N HIS D 135 -25.40 -25.69 -47.78
CA HIS D 135 -24.50 -26.72 -47.27
C HIS D 135 -24.51 -26.85 -45.74
N THR D 136 -24.58 -25.72 -45.06
CA THR D 136 -24.49 -25.69 -43.59
C THR D 136 -25.79 -25.20 -42.92
N GLN D 137 -26.68 -24.63 -43.72
CA GLN D 137 -27.89 -23.95 -43.24
C GLN D 137 -27.55 -22.74 -42.35
N LYS D 138 -26.37 -22.19 -42.59
CA LYS D 138 -25.88 -21.03 -41.86
C LYS D 138 -25.35 -19.99 -42.84
N ALA D 139 -25.44 -18.71 -42.46
CA ALA D 139 -25.00 -17.61 -43.31
C ALA D 139 -23.97 -16.73 -42.59
N THR D 140 -22.78 -16.63 -43.18
CA THR D 140 -21.70 -15.83 -42.61
C THR D 140 -21.55 -14.51 -43.35
N LEU D 141 -21.65 -13.41 -42.61
CA LEU D 141 -21.37 -12.08 -43.14
C LEU D 141 -19.96 -11.67 -42.76
N VAL D 142 -19.18 -11.23 -43.75
CA VAL D 142 -17.80 -10.79 -43.52
C VAL D 142 -17.67 -9.29 -43.72
N CYS D 143 -17.19 -8.61 -42.67
CA CYS D 143 -16.90 -7.17 -42.75
C CYS D 143 -15.41 -6.95 -42.96
N LEU D 144 -15.08 -5.88 -43.66
CA LEU D 144 -13.70 -5.58 -44.01
C LEU D 144 -13.39 -4.09 -43.92
N ALA D 145 -12.54 -3.73 -42.97
CA ALA D 145 -12.04 -2.37 -42.83
C ALA D 145 -10.62 -2.31 -43.37
N THR D 146 -10.37 -1.40 -44.31
CA THR D 146 -9.09 -1.33 -45.01
C THR D 146 -8.53 0.09 -45.09
N GLY D 147 -7.21 0.19 -45.12
CA GLY D 147 -6.50 1.44 -45.38
C GLY D 147 -6.56 2.48 -44.27
N PHE D 148 -6.43 2.02 -43.03
CA PHE D 148 -6.49 2.92 -41.86
C PHE D 148 -5.20 2.96 -41.05
N TYR D 149 -4.91 4.13 -40.51
CA TYR D 149 -3.77 4.33 -39.62
C TYR D 149 -4.13 5.38 -38.57
N PRO D 150 -3.82 5.12 -37.29
CA PRO D 150 -3.21 3.90 -36.76
C PRO D 150 -4.23 2.77 -36.54
N ASP D 151 -3.80 1.69 -35.89
CA ASP D 151 -4.62 0.49 -35.72
C ASP D 151 -5.75 0.62 -34.69
N HIS D 152 -5.84 1.78 -34.03
CA HIS D 152 -6.84 2.02 -32.98
C HIS D 152 -8.27 2.14 -33.53
N VAL D 153 -8.89 0.98 -33.77
CA VAL D 153 -10.28 0.92 -34.25
C VAL D 153 -11.11 -0.07 -33.44
N GLU D 154 -12.42 0.16 -33.40
CA GLU D 154 -13.34 -0.72 -32.72
C GLU D 154 -14.44 -1.17 -33.68
N LEU D 155 -14.42 -2.45 -34.03
CA LEU D 155 -15.43 -3.01 -34.92
C LEU D 155 -16.59 -3.58 -34.11
N SER D 156 -17.81 -3.27 -34.54
CA SER D 156 -19.02 -3.76 -33.89
C SER D 156 -20.10 -4.11 -34.92
N TRP D 157 -20.80 -5.21 -34.67
CA TRP D 157 -21.90 -5.65 -35.52
C TRP D 157 -23.24 -5.24 -34.92
N TRP D 158 -24.13 -4.74 -35.78
CA TRP D 158 -25.45 -4.28 -35.34
C TRP D 158 -26.57 -4.87 -36.19
N VAL D 159 -27.55 -5.46 -35.53
CA VAL D 159 -28.72 -6.03 -36.19
C VAL D 159 -29.99 -5.32 -35.70
N ASN D 160 -30.68 -4.68 -36.64
CA ASN D 160 -31.91 -3.91 -36.36
C ASN D 160 -31.74 -2.81 -35.31
N GLY D 161 -30.56 -2.19 -35.29
CA GLY D 161 -30.26 -1.10 -34.37
C GLY D 161 -29.74 -1.53 -33.01
N LYS D 162 -29.64 -2.85 -32.80
CA LYS D 162 -29.11 -3.41 -31.56
C LYS D 162 -27.84 -4.20 -31.83
N GLU D 163 -26.83 -4.00 -30.98
CA GLU D 163 -25.53 -4.64 -31.13
C GLU D 163 -25.58 -6.13 -30.82
N VAL D 164 -24.98 -6.93 -31.69
CA VAL D 164 -24.90 -8.39 -31.49
C VAL D 164 -23.47 -8.85 -31.21
N HIS D 165 -23.34 -9.79 -30.29
CA HIS D 165 -22.03 -10.34 -29.91
C HIS D 165 -21.95 -11.84 -30.20
N SER D 166 -23.09 -12.51 -30.15
CA SER D 166 -23.17 -13.94 -30.44
C SER D 166 -22.93 -14.20 -31.92
N GLY D 167 -22.12 -15.22 -32.21
CA GLY D 167 -21.76 -15.59 -33.59
C GLY D 167 -20.82 -14.60 -34.24
N VAL D 168 -20.14 -13.80 -33.42
CA VAL D 168 -19.21 -12.78 -33.90
C VAL D 168 -17.80 -13.08 -33.43
N CYS D 169 -16.84 -12.96 -34.35
CA CYS D 169 -15.43 -12.97 -33.99
C CYS D 169 -14.63 -12.04 -34.90
N THR D 170 -13.81 -11.19 -34.28
CA THR D 170 -12.99 -10.21 -34.99
C THR D 170 -11.53 -10.56 -34.81
N ASP D 171 -10.72 -10.29 -35.84
CA ASP D 171 -9.28 -10.51 -35.77
C ASP D 171 -8.68 -9.88 -34.51
N PRO D 172 -7.87 -10.65 -33.77
CA PRO D 172 -7.25 -10.16 -32.53
C PRO D 172 -6.31 -8.98 -32.81
N GLN D 173 -5.74 -8.97 -34.02
CA GLN D 173 -4.82 -7.91 -34.44
C GLN D 173 -5.05 -7.56 -35.92
N PRO D 174 -4.96 -6.26 -36.26
CA PRO D 174 -5.04 -5.85 -37.66
C PRO D 174 -3.74 -6.17 -38.40
N LEU D 175 -3.85 -6.58 -39.66
CA LEU D 175 -2.68 -6.88 -40.47
C LEU D 175 -2.22 -5.68 -41.30
N LYS D 176 -0.90 -5.58 -41.48
CA LYS D 176 -0.31 -4.50 -42.28
C LYS D 176 -0.54 -4.71 -43.77
N GLU D 177 -1.01 -3.67 -44.45
CA GLU D 177 -1.27 -3.72 -45.88
C GLU D 177 0.02 -3.70 -46.69
N GLN D 178 1.04 -3.03 -46.14
CA GLN D 178 2.36 -2.96 -46.77
C GLN D 178 3.44 -3.19 -45.71
N PRO D 179 3.72 -4.47 -45.38
CA PRO D 179 4.62 -4.85 -44.29
C PRO D 179 6.03 -4.26 -44.36
N ALA D 180 6.47 -3.94 -45.58
CA ALA D 180 7.80 -3.34 -45.80
C ALA D 180 7.90 -1.92 -45.25
N LEU D 181 6.78 -1.20 -45.28
CA LEU D 181 6.74 0.19 -44.81
C LEU D 181 6.57 0.29 -43.30
N ASN D 182 7.29 1.22 -42.69
CA ASN D 182 7.24 1.43 -41.25
C ASN D 182 5.92 2.01 -40.75
N ASP D 183 5.41 3.01 -41.47
CA ASP D 183 4.12 3.63 -41.15
C ASP D 183 3.00 3.08 -42.04
N SER D 184 2.95 1.76 -42.15
CA SER D 184 2.01 1.06 -43.01
C SER D 184 0.57 1.16 -42.52
N ARG D 185 -0.36 1.24 -43.45
CA ARG D 185 -1.79 1.22 -43.15
C ARG D 185 -2.24 -0.19 -42.81
N TYR D 186 -3.32 -0.29 -42.04
CA TYR D 186 -3.80 -1.58 -41.52
C TYR D 186 -5.09 -2.06 -42.18
N SER D 187 -5.38 -3.35 -42.01
CA SER D 187 -6.65 -3.94 -42.44
C SER D 187 -7.19 -4.87 -41.35
N LEU D 188 -8.52 -4.95 -41.27
CA LEU D 188 -9.18 -5.75 -40.24
C LEU D 188 -10.42 -6.45 -40.79
N SER D 189 -10.59 -7.72 -40.43
CA SER D 189 -11.76 -8.48 -40.84
C SER D 189 -12.53 -9.01 -39.63
N SER D 190 -13.84 -9.19 -39.80
CA SER D 190 -14.71 -9.76 -38.77
C SER D 190 -15.83 -10.57 -39.40
N ARG D 191 -16.30 -11.59 -38.68
CA ARG D 191 -17.36 -12.46 -39.16
C ARG D 191 -18.58 -12.39 -38.26
N LEU D 192 -19.76 -12.39 -38.87
CA LEU D 192 -21.01 -12.60 -38.16
C LEU D 192 -21.77 -13.74 -38.81
N ARG D 193 -21.94 -14.83 -38.06
CA ARG D 193 -22.65 -16.00 -38.56
C ARG D 193 -24.01 -16.17 -37.91
N VAL D 194 -25.03 -16.27 -38.75
CA VAL D 194 -26.40 -16.49 -38.30
C VAL D 194 -26.98 -17.72 -39.02
N SER D 195 -28.20 -18.10 -38.66
CA SER D 195 -28.91 -19.16 -39.36
C SER D 195 -29.37 -18.65 -40.72
N ALA D 196 -29.43 -19.56 -41.70
CA ALA D 196 -29.86 -19.22 -43.05
C ALA D 196 -31.20 -18.47 -43.05
N THR D 197 -32.15 -19.01 -42.30
CA THR D 197 -33.50 -18.43 -42.19
C THR D 197 -33.52 -17.02 -41.62
N PHE D 198 -32.51 -16.66 -40.83
CA PHE D 198 -32.39 -15.32 -40.27
C PHE D 198 -31.89 -14.32 -41.33
N TRP D 199 -30.92 -14.75 -42.14
CA TRP D 199 -30.40 -13.93 -43.23
C TRP D 199 -31.40 -13.81 -44.37
N GLN D 200 -32.19 -14.85 -44.58
CA GLN D 200 -33.21 -14.86 -45.64
C GLN D 200 -34.36 -13.89 -45.37
N ASN D 201 -34.49 -13.48 -44.10
CA ASN D 201 -35.51 -12.52 -43.68
C ASN D 201 -35.17 -11.10 -44.13
N PRO D 202 -36.00 -10.51 -45.02
CA PRO D 202 -35.75 -9.16 -45.53
C PRO D 202 -36.01 -8.05 -44.51
N ARG D 203 -36.60 -8.41 -43.36
CA ARG D 203 -36.89 -7.46 -42.29
C ARG D 203 -35.63 -7.13 -41.48
N ASN D 204 -34.65 -8.03 -41.51
CA ASN D 204 -33.41 -7.87 -40.75
C ASN D 204 -32.40 -6.97 -41.44
N HIS D 205 -31.95 -5.95 -40.72
CA HIS D 205 -31.00 -4.97 -41.23
C HIS D 205 -29.63 -5.19 -40.59
N PHE D 206 -28.67 -5.60 -41.42
CA PHE D 206 -27.32 -5.91 -40.95
C PHE D 206 -26.36 -4.75 -41.22
N ARG D 207 -25.54 -4.41 -40.22
CA ARG D 207 -24.59 -3.32 -40.33
C ARG D 207 -23.30 -3.60 -39.57
N CYS D 208 -22.17 -3.38 -40.23
CA CYS D 208 -20.86 -3.44 -39.60
C CYS D 208 -20.34 -2.04 -39.35
N GLN D 209 -20.05 -1.74 -38.10
CA GLN D 209 -19.61 -0.41 -37.69
C GLN D 209 -18.17 -0.42 -37.22
N VAL D 210 -17.37 0.49 -37.77
CA VAL D 210 -15.98 0.68 -37.32
C VAL D 210 -15.81 2.07 -36.73
N GLN D 211 -15.56 2.11 -35.42
CA GLN D 211 -15.23 3.35 -34.72
C GLN D 211 -13.74 3.60 -34.85
N PHE D 212 -13.39 4.59 -35.69
CA PHE D 212 -11.99 4.96 -35.91
C PHE D 212 -11.59 6.08 -34.96
N TYR D 213 -10.38 5.98 -34.41
CA TYR D 213 -9.83 7.03 -33.56
C TYR D 213 -8.64 7.70 -34.22
N GLY D 214 -8.75 9.02 -34.40
CA GLY D 214 -7.70 9.80 -35.05
C GLY D 214 -7.58 11.19 -34.47
N LEU D 215 -7.68 12.21 -35.32
CA LEU D 215 -7.49 13.60 -34.93
C LEU D 215 -8.69 14.18 -34.20
N SER D 216 -8.41 15.15 -33.32
CA SER D 216 -9.45 15.91 -32.64
C SER D 216 -9.89 17.07 -33.53
N GLU D 217 -11.06 17.63 -33.22
CA GLU D 217 -11.58 18.78 -33.95
C GLU D 217 -10.84 20.08 -33.59
N ASN D 218 -9.64 19.92 -33.06
CA ASN D 218 -8.78 21.05 -32.68
C ASN D 218 -7.34 20.90 -33.17
N ASP D 219 -6.97 19.66 -33.53
CA ASP D 219 -5.66 19.37 -34.08
C ASP D 219 -5.45 20.05 -35.43
N GLU D 220 -4.23 20.52 -35.67
CA GLU D 220 -3.91 21.22 -36.91
C GLU D 220 -3.66 20.26 -38.06
N TRP D 221 -4.26 20.56 -39.21
CA TRP D 221 -4.11 19.74 -40.41
C TRP D 221 -3.62 20.59 -41.59
N THR D 222 -2.54 20.13 -42.21
CA THR D 222 -1.87 20.90 -43.27
C THR D 222 -2.04 20.30 -44.67
N GLN D 223 -2.40 19.01 -44.72
CA GLN D 223 -2.53 18.30 -45.99
C GLN D 223 -3.80 18.68 -46.76
N ASP D 224 -3.81 18.38 -48.05
CA ASP D 224 -4.92 18.74 -48.94
C ASP D 224 -6.13 17.83 -48.78
N ARG D 225 -5.89 16.58 -48.41
CA ARG D 225 -6.96 15.59 -48.20
C ARG D 225 -7.81 15.92 -46.97
N ALA D 226 -8.99 15.30 -46.88
CA ALA D 226 -9.92 15.49 -45.77
C ALA D 226 -9.28 15.17 -44.42
N LYS D 227 -9.65 15.94 -43.40
CA LYS D 227 -9.11 15.78 -42.06
C LYS D 227 -9.53 14.44 -41.44
N PRO D 228 -8.54 13.60 -41.06
CA PRO D 228 -8.80 12.25 -40.53
C PRO D 228 -9.22 12.26 -39.06
N VAL D 229 -10.34 12.92 -38.77
CA VAL D 229 -10.88 13.04 -37.42
C VAL D 229 -11.47 11.73 -36.91
N THR D 230 -11.64 11.64 -35.58
CA THR D 230 -12.32 10.52 -34.94
C THR D 230 -13.74 10.42 -35.50
N GLN D 231 -14.05 9.28 -36.10
CA GLN D 231 -15.31 9.10 -36.82
C GLN D 231 -15.77 7.65 -36.89
N ILE D 232 -17.03 7.46 -37.30
CA ILE D 232 -17.59 6.14 -37.53
C ILE D 232 -17.80 5.92 -39.03
N VAL D 233 -17.20 4.85 -39.55
CA VAL D 233 -17.44 4.42 -40.92
C VAL D 233 -18.12 3.06 -40.88
N SER D 234 -19.20 2.91 -41.64
CA SER D 234 -19.99 1.68 -41.60
C SER D 234 -20.41 1.18 -42.99
N ALA D 235 -20.55 -0.14 -43.10
CA ALA D 235 -21.12 -0.79 -44.27
C ALA D 235 -22.38 -1.54 -43.85
N GLU D 236 -23.34 -1.64 -44.76
CA GLU D 236 -24.68 -2.08 -44.40
C GLU D 236 -25.36 -2.86 -45.53
N ALA D 237 -26.12 -3.90 -45.15
CA ALA D 237 -26.89 -4.70 -46.09
C ALA D 237 -28.18 -5.24 -45.46
N TRP D 238 -29.19 -5.45 -46.30
CA TRP D 238 -30.45 -6.05 -45.87
C TRP D 238 -30.47 -7.54 -46.21
N GLY D 239 -31.28 -8.30 -45.47
CA GLY D 239 -31.48 -9.72 -45.74
C GLY D 239 -32.29 -9.94 -47.01
N ARG D 240 -32.13 -11.11 -47.61
CA ARG D 240 -32.82 -11.45 -48.86
C ARG D 240 -33.03 -12.96 -49.03
N ALA D 241 -34.14 -13.33 -49.65
CA ALA D 241 -34.48 -14.74 -49.88
C ALA D 241 -33.89 -15.22 -51.21
C1 NAG E . 13.37 17.17 6.82
C2 NAG E . 14.28 17.97 5.89
C3 NAG E . 15.76 17.92 6.31
C4 NAG E . 15.98 17.98 7.82
C5 NAG E . 15.03 17.02 8.53
C6 NAG E . 15.16 17.05 10.05
C7 NAG E . 13.37 18.01 3.61
C8 NAG E . 13.36 17.34 2.27
N2 NAG E . 14.15 17.46 4.54
O3 NAG E . 16.44 18.99 5.68
O4 NAG E . 17.33 17.67 8.13
O5 NAG E . 13.70 17.36 8.18
O6 NAG E . 14.65 18.26 10.57
O7 NAG E . 12.67 19.01 3.80
C1 NAG E . 18.00 18.81 8.70
C2 NAG E . 19.09 18.35 9.67
C3 NAG E . 19.92 19.51 10.21
C4 NAG E . 20.32 20.51 9.12
C5 NAG E . 19.11 20.87 8.25
C6 NAG E . 19.48 21.82 7.11
C7 NAG E . 18.63 16.31 10.96
C8 NAG E . 17.97 15.74 12.18
N2 NAG E . 18.51 17.62 10.79
O3 NAG E . 21.08 19.02 10.84
O4 NAG E . 20.87 21.66 9.71
O5 NAG E . 18.54 19.69 7.72
O6 NAG E . 20.05 21.10 6.04
O7 NAG E . 19.22 15.56 10.18
C1 NAG F . 15.06 5.60 11.03
C2 NAG F . 16.03 6.43 10.18
C3 NAG F . 15.56 6.51 8.72
C4 NAG F . 15.13 5.17 8.13
C5 NAG F . 14.29 4.37 9.15
C6 NAG F . 14.03 2.92 8.74
C7 NAG F . 17.26 8.18 11.36
C8 NAG F . 17.24 9.59 11.86
N2 NAG F . 16.16 7.77 10.72
O3 NAG F . 16.59 7.07 7.94
O4 NAG F . 14.38 5.48 6.96
O5 NAG F . 14.91 4.34 10.42
O6 NAG F . 15.20 2.14 8.93
O7 NAG F . 18.25 7.47 11.55
C1 NAG F . 14.94 4.72 5.95
C2 NAG F . 14.26 4.17 4.74
C3 NAG F . 15.26 3.22 4.15
C4 NAG F . 16.51 3.95 3.77
C5 NAG F . 17.07 4.58 5.02
C6 NAG F . 18.26 5.46 4.73
C7 NAG F . 12.98 2.19 5.06
C8 NAG F . 11.73 1.54 5.52
N2 NAG F . 13.06 3.49 5.09
O3 NAG F . 14.75 2.69 2.97
O4 NAG F . 17.39 2.99 3.22
O5 NAG F . 16.07 5.41 5.55
O6 NAG F . 17.80 6.77 4.86
O7 NAG F . 13.89 1.48 4.71
C1 NAG G . -10.70 -8.36 24.10
C2 NAG G . -11.70 -9.11 23.24
C3 NAG G . -12.90 -8.23 22.89
C4 NAG G . -13.46 -7.46 24.10
C5 NAG G . -12.34 -6.91 24.99
C6 NAG G . -12.86 -6.40 26.34
C7 NAG G . -10.59 -10.84 21.87
C8 NAG G . -9.99 -11.16 20.53
N2 NAG G . -11.08 -9.61 22.01
O3 NAG G . -13.92 -9.05 22.35
O4 NAG G . -14.26 -6.39 23.64
O5 NAG G . -11.37 -7.90 25.26
O6 NAG G . -12.47 -5.06 26.59
O7 NAG G . -10.61 -11.69 22.76
C1 NAG G . -15.67 -6.65 23.82
C2 NAG G . -16.40 -5.31 23.99
C3 NAG G . -17.92 -5.47 23.95
C4 NAG G . -18.36 -6.32 22.76
C5 NAG G . -17.60 -7.66 22.80
C6 NAG G . -18.00 -8.61 21.68
C7 NAG G . -15.75 -3.39 25.37
C8 NAG G . -15.34 -2.92 26.74
N2 NAG G . -15.99 -4.69 25.24
O3 NAG G . -18.52 -4.20 23.89
O4 NAG G . -19.76 -6.54 22.78
O5 NAG G . -16.20 -7.39 22.73
O6 NAG G . -17.08 -8.55 20.62
O7 NAG G . -15.83 -2.58 24.44
C1 MAN G . -20.39 -5.72 21.78
C2 MAN G . -21.68 -5.09 22.33
C3 MAN G . -22.87 -6.06 22.30
C4 MAN G . -22.98 -6.78 20.95
C5 MAN G . -21.64 -7.36 20.51
C6 MAN G . -21.72 -7.95 19.10
O2 MAN G . -21.98 -3.92 21.61
O3 MAN G . -24.07 -5.37 22.57
O4 MAN G . -23.95 -7.81 21.06
O5 MAN G . -20.62 -6.37 20.53
O6 MAN G . -22.39 -9.19 19.13
C1 FUL G . -11.03 -4.96 26.71
C2 FUL G . -10.58 -4.50 28.10
O2 FUL G . -11.14 -5.33 29.09
C3 FUL G . -9.04 -4.56 28.16
O3 FUL G . -8.60 -4.01 29.38
C4 FUL G . -8.39 -3.86 26.98
O4 FUL G . -8.45 -2.45 27.15
C5 FUL G . -9.06 -4.26 25.65
C6 FUL G . -8.55 -3.44 24.47
O5 FUL G . -10.46 -4.12 25.73
C1 LGN H . -1.22 -4.98 9.08
O1 LGN H . -0.47 -3.76 8.82
C2 LGN H . -2.27 -5.39 8.04
O2 LGN H . -3.10 -4.29 7.68
C3 LGN H . -3.13 -6.52 8.63
O3 LGN H . -4.06 -6.97 7.65
C4 LGN H . -2.28 -7.69 9.12
O4 LGN H . -3.04 -8.36 10.16
C5 LGN H . -0.90 -7.30 9.72
O5 LGN H . -0.29 -6.10 9.15
C6 LGN H . 0.07 -8.47 9.51
O6 LGN H . 1.31 -8.20 10.17
CAA LGN H . -2.47 12.79 11.12
CAB LGN H . -1.98 11.61 11.97
CAC LGN H . -2.88 11.38 13.17
CAD LGN H . -2.58 10.02 13.82
CAE LGN H . -3.81 9.49 14.56
CAF LGN H . -3.40 8.70 15.81
CAG LGN H . -3.74 7.22 15.65
CAH LGN H . -2.47 6.37 15.68
CAI LGN H . -2.68 5.09 16.49
CAJ LGN H . -2.61 3.86 15.59
CAK LGN H . -1.36 3.03 15.89
CAL LGN H . -1.48 1.62 15.30
CAM LGN H . -0.67 1.50 14.00
CAN LGN H . -1.37 0.76 13.05
CAO LGN H . -0.67 0.03 12.10
CAP LGN H . -1.46 -0.78 11.05
OAQ LGN H . -1.71 0.05 9.91
CAR LGN H . -0.66 -2.02 10.67
NAS LGN H . -0.83 -3.03 11.74
CAT LGN H . 0.17 -3.73 12.27
OAU LGN H . 1.35 -3.62 11.93
CAV LGN H . -0.24 -4.71 13.37
CAW LGN H . -0.72 -3.97 14.64
CAX LGN H . 0.39 -3.87 15.67
CAY LGN H . 0.11 -2.76 16.68
CAZ LGN H . 1.27 -2.61 17.67
CBA LGN H . 0.92 -1.65 18.81
CBB LGN H . 2.10 -0.72 19.12
CBC LGN H . 2.26 -0.49 20.63
CBD LGN H . 3.33 0.56 20.91
CBE LGN H . 4.58 -0.07 21.54
CBF LGN H . 5.65 -0.35 20.49
CBG LGN H . 6.97 -0.75 21.16
CBH LGN H . 7.53 -2.05 20.56
CBI LGN H . 8.43 -2.78 21.57
CBJ LGN H . 7.65 -3.90 22.29
CBK LGN H . 8.60 -5.04 22.69
CBL LGN H . 8.23 -5.57 24.08
CBM LGN H . 7.60 -6.97 23.99
CBN LGN H . 6.36 -7.06 24.87
CBO LGN H . 5.20 -7.73 24.12
CBP LGN H . 3.89 -7.53 24.87
CBQ LGN H . 2.82 -6.92 23.96
CBR LGN H . 1.87 -6.00 24.74
CBS LGN H . 1.93 -4.57 24.20
CBT LGN H . 0.65 -4.21 23.44
CBU LGN H . -1.16 -2.60 9.34
CBX LGN H . -4.83 -13.26 12.67
OBY LGN H . -3.59 -13.08 13.43
CBZ LGN H . -5.92 -13.86 13.57
OCA LGN H . -7.16 -13.93 12.85
CCB LGN H . -6.12 -13.05 14.87
OCC LGN H . -7.02 -13.75 15.74
CCD LGN H . -4.79 -12.78 15.59
OCE LGN H . -4.32 -13.98 16.23
CCF LGN H . -3.72 -12.24 14.62
CCH LGN H . -3.52 -9.67 9.77
CCI LGN H . -3.95 -10.34 11.09
OCJ LGN H . -2.79 -10.58 11.90
OCK LGN H . -4.64 -9.56 8.84
CCL LGN H . -5.24 -10.85 8.50
CCM LGN H . -6.37 -10.64 7.48
OCN LGN H . -5.84 -10.73 6.16
CCO LGN H . -5.77 -11.57 9.76
OCP LGN H . -6.93 -10.89 10.28
CCQ LGN H . -4.70 -11.67 10.86
OCR LGN H . -5.32 -12.01 12.12
CDA LGN H . -2.35 -12.12 15.29
ODA LGN H . -2.27 -11.73 16.45
#